data_1TZ7
#
_entry.id   1TZ7
#
_cell.length_a   156.745
_cell.length_b   156.745
_cell.length_c   169.161
_cell.angle_alpha   90.00
_cell.angle_beta   90.00
_cell.angle_gamma   120.00
#
_symmetry.space_group_name_H-M   'P 61 2 2'
#
loop_
_entity.id
_entity.type
_entity.pdbx_description
1 polymer 4-alpha-glucanotransferase
2 non-polymer (4S)-2-METHYL-2,4-PENTANEDIOL
3 water water
#
_entity_poly.entity_id   1
_entity_poly.type   'polypeptide(L)'
_entity_poly.pdbx_seq_one_letter_code
;MGSSHHHHHHSSGLVPRGSHMRLAGILLHVTSLPSPYGIGDLGKEAYRFLDFLKECGFSLWQVLPLNPTSLEAGNSPYSS
NSLFAGNYVLIDPEELLEEDLIKERDLKRFPLGEALYEVVYEYKKELLEKAFKNFRRFELLEDFLKEHSYWLRDYALYMA
IKEEEGKEWYEWDEELKRREKEALKRVLNKLKGRFYFHVFVQFVFFKQWEKLRRYARERGISIVGDLPMYPSYSSADVWT
NPELFKLDGDLKPLFVAGVPPDFFSKTGQLWGNPVYNWEEHEKEGFRWWIRRVLHNLKLFDFLRLDHFRGFEAYWEVPYG
EETAVNGRWVKAPGKTLFKKLLSYFPKNPFIAEDLGFITDEVRYLRETFKIPGSRVIEFAFYDKESEHLPHNVEENNVYY
TSTHDLPPIRGWFENLGEESRKRLFEYLGREIKEEKVNEELIRLVLISRAKFAIIQMQDLLNLGNEARMNYPGRPFGNWR
WRIKEDYTQKKEFIKKLLGIYGREV
;
_entity_poly.pdbx_strand_id   A,B
#
loop_
_chem_comp.id
_chem_comp.type
_chem_comp.name
_chem_comp.formula
MPD non-polymer (4S)-2-METHYL-2,4-PENTANEDIOL 'C6 H14 O2'
#
# COMPACT_ATOMS: atom_id res chain seq x y z
N GLY A 18 -45.58 6.76 30.24
CA GLY A 18 -44.48 7.37 29.41
C GLY A 18 -43.15 6.70 29.67
N SER A 19 -42.43 6.37 28.60
CA SER A 19 -41.13 5.71 28.71
C SER A 19 -40.10 6.39 27.80
N HIS A 20 -39.68 7.60 28.19
CA HIS A 20 -38.72 8.38 27.40
C HIS A 20 -37.37 8.42 28.11
N MET A 21 -36.33 8.77 27.34
CA MET A 21 -35.01 9.06 27.91
C MET A 21 -35.02 10.44 28.60
N ARG A 22 -35.15 10.44 29.92
CA ARG A 22 -35.23 11.68 30.70
C ARG A 22 -34.37 11.58 31.94
N LEU A 23 -33.21 12.23 31.91
CA LEU A 23 -32.26 12.12 32.99
C LEU A 23 -32.03 13.44 33.67
N ALA A 24 -31.64 13.39 34.94
CA ALA A 24 -31.30 14.58 35.70
C ALA A 24 -29.90 14.42 36.28
N GLY A 25 -29.23 15.54 36.53
CA GLY A 25 -27.90 15.51 37.09
C GLY A 25 -27.57 16.73 37.88
N ILE A 26 -26.40 16.71 38.53
CA ILE A 26 -25.91 17.84 39.26
C ILE A 26 -24.56 18.28 38.71
N LEU A 27 -24.38 19.60 38.57
CA LEU A 27 -23.09 20.16 38.21
C LEU A 27 -22.32 20.53 39.49
N LEU A 28 -21.23 19.81 39.73
CA LEU A 28 -20.43 20.00 40.93
C LEU A 28 -18.99 19.56 40.67
N HIS A 29 -18.08 20.50 40.74
CA HIS A 29 -16.66 20.20 40.56
C HIS A 29 -16.10 19.51 41.79
N VAL A 30 -15.10 18.67 41.57
CA VAL A 30 -14.50 17.88 42.64
C VAL A 30 -14.02 18.78 43.78
N THR A 31 -13.48 19.96 43.44
CA THR A 31 -12.91 20.87 44.47
C THR A 31 -13.96 21.33 45.46
N SER A 32 -15.22 21.38 45.01
CA SER A 32 -16.30 21.91 45.84
C SER A 32 -16.81 20.91 46.89
N LEU A 33 -16.39 19.65 46.77
CA LEU A 33 -16.71 18.62 47.78
C LEU A 33 -16.16 19.05 49.15
N PRO A 34 -16.91 18.76 50.21
CA PRO A 34 -16.52 19.17 51.57
C PRO A 34 -15.51 18.23 52.26
N SER A 35 -14.41 17.92 51.57
CA SER A 35 -13.39 17.05 52.14
C SER A 35 -12.54 17.82 53.16
N PRO A 36 -11.91 17.10 54.09
CA PRO A 36 -11.33 17.72 55.28
C PRO A 36 -9.93 18.33 55.10
N TYR A 37 -9.38 18.29 53.89
CA TYR A 37 -7.96 18.66 53.70
C TYR A 37 -7.77 19.90 52.81
N GLY A 38 -8.68 20.86 52.95
CA GLY A 38 -8.51 22.19 52.37
C GLY A 38 -9.16 22.32 51.02
N ILE A 39 -9.56 21.19 50.45
CA ILE A 39 -10.13 21.15 49.12
C ILE A 39 -10.85 19.81 48.90
N GLY A 40 -11.80 19.80 47.98
CA GLY A 40 -12.50 18.57 47.64
C GLY A 40 -11.58 17.58 46.95
N ASP A 41 -11.83 16.27 47.17
CA ASP A 41 -10.96 15.23 46.61
C ASP A 41 -11.76 13.98 46.18
N LEU A 42 -11.03 12.96 45.71
CA LEU A 42 -11.66 11.78 45.11
C LEU A 42 -11.92 10.69 46.17
N GLY A 43 -11.97 11.11 47.44
CA GLY A 43 -12.13 10.17 48.54
C GLY A 43 -13.54 10.15 49.10
N LYS A 44 -13.63 9.92 50.41
CA LYS A 44 -14.90 9.62 51.08
C LYS A 44 -16.07 10.50 50.62
N GLU A 45 -15.83 11.81 50.50
CA GLU A 45 -16.90 12.77 50.24
C GLU A 45 -17.39 12.72 48.79
N ALA A 46 -16.51 12.30 47.88
CA ALA A 46 -16.91 12.02 46.52
C ALA A 46 -17.88 10.84 46.47
N TYR A 47 -17.59 9.80 47.25
CA TYR A 47 -18.45 8.62 47.32
C TYR A 47 -19.78 8.93 47.99
N ARG A 48 -19.74 9.76 49.03
CA ARG A 48 -20.96 10.20 49.71
C ARG A 48 -21.86 10.99 48.78
N PHE A 49 -21.25 11.77 47.89
CA PHE A 49 -22.00 12.57 46.94
C PHE A 49 -22.65 11.68 45.86
N LEU A 50 -21.92 10.67 45.41
CA LEU A 50 -22.47 9.68 44.48
C LEU A 50 -23.64 8.92 45.12
N ASP A 51 -23.52 8.59 46.41
CA ASP A 51 -24.61 7.94 47.16
C ASP A 51 -25.84 8.81 47.19
N PHE A 52 -25.63 10.12 47.33
CA PHE A 52 -26.71 11.10 47.34
C PHE A 52 -27.39 11.19 45.95
N LEU A 53 -26.58 11.24 44.89
CA LEU A 53 -27.09 11.16 43.50
C LEU A 53 -28.02 9.96 43.36
N LYS A 54 -27.50 8.78 43.71
CA LYS A 54 -28.23 7.53 43.54
C LYS A 54 -29.54 7.53 44.33
N GLU A 55 -29.47 7.95 45.60
CA GLU A 55 -30.64 7.93 46.48
C GLU A 55 -31.75 8.84 45.95
N CYS A 56 -31.34 9.99 45.38
CA CYS A 56 -32.30 10.97 44.85
C CYS A 56 -32.91 10.51 43.52
N GLY A 57 -32.15 9.69 42.77
CA GLY A 57 -32.58 9.24 41.44
C GLY A 57 -31.87 9.97 40.30
N PHE A 58 -30.84 10.74 40.62
CA PHE A 58 -30.02 11.39 39.59
C PHE A 58 -29.25 10.35 38.80
N SER A 59 -28.99 10.66 37.52
CA SER A 59 -28.23 9.76 36.65
C SER A 59 -26.96 10.42 36.08
N LEU A 60 -26.77 11.71 36.35
CA LEU A 60 -25.67 12.45 35.74
C LEU A 60 -24.90 13.27 36.77
N TRP A 61 -23.58 13.30 36.60
CA TRP A 61 -22.72 14.16 37.37
C TRP A 61 -21.78 14.91 36.43
N GLN A 62 -21.85 16.24 36.45
CA GLN A 62 -20.96 17.05 35.62
C GLN A 62 -19.87 17.69 36.45
N VAL A 63 -18.63 17.48 36.03
CA VAL A 63 -17.48 18.10 36.64
C VAL A 63 -16.83 19.07 35.67
N LEU A 64 -15.93 19.90 36.17
CA LEU A 64 -15.08 20.72 35.32
C LEU A 64 -13.82 19.92 34.96
N PRO A 65 -12.96 20.47 34.09
CA PRO A 65 -11.73 19.77 33.70
C PRO A 65 -10.89 19.36 34.91
N LEU A 66 -10.28 18.20 34.84
CA LEU A 66 -9.54 17.62 35.96
C LEU A 66 -8.04 17.89 35.79
N ASN A 67 -7.70 18.75 34.83
CA ASN A 67 -6.30 19.03 34.50
C ASN A 67 -5.61 19.82 35.62
N PRO A 68 -4.29 19.68 35.73
CA PRO A 68 -3.53 20.36 36.79
C PRO A 68 -3.69 21.88 36.74
N THR A 69 -3.89 22.49 37.90
CA THR A 69 -4.07 23.94 37.99
C THR A 69 -2.87 24.57 38.69
N SER A 70 -2.77 25.88 38.60
CA SER A 70 -1.68 26.61 39.22
C SER A 70 -2.16 27.97 39.75
N LEU A 71 -1.47 28.48 40.76
CA LEU A 71 -1.71 29.84 41.28
C LEU A 71 -1.62 30.88 40.15
N GLU A 72 -0.67 30.67 39.24
CA GLU A 72 -0.33 31.65 38.20
C GLU A 72 -1.55 31.90 37.30
N ALA A 73 -2.33 30.85 37.05
CA ALA A 73 -3.44 30.92 36.10
C ALA A 73 -4.77 31.12 36.83
N GLY A 74 -4.70 31.60 38.07
CA GLY A 74 -5.88 31.83 38.88
C GLY A 74 -6.57 30.53 39.31
N ASN A 75 -5.82 29.43 39.27
CA ASN A 75 -6.35 28.10 39.62
C ASN A 75 -7.44 27.62 38.68
N SER A 76 -7.45 28.14 37.45
CA SER A 76 -8.49 27.80 36.48
C SER A 76 -8.26 26.41 35.92
N PRO A 77 -9.31 25.57 35.93
CA PRO A 77 -9.26 24.25 35.29
C PRO A 77 -9.05 24.33 33.77
N TYR A 78 -9.28 25.51 33.19
CA TYR A 78 -9.26 25.66 31.74
C TYR A 78 -7.94 26.26 31.24
N SER A 79 -6.99 26.45 32.16
CA SER A 79 -5.66 26.94 31.79
C SER A 79 -4.57 26.11 32.49
N SER A 80 -4.24 24.96 31.90
CA SER A 80 -3.43 23.96 32.56
C SER A 80 -2.18 23.68 31.74
N ASN A 81 -1.15 23.17 32.40
CA ASN A 81 0.06 22.73 31.69
C ASN A 81 -0.09 21.32 31.05
N SER A 82 -1.31 20.76 31.08
CA SER A 82 -1.59 19.49 30.39
C SER A 82 -3.10 19.25 30.24
N LEU A 83 -3.52 18.91 29.02
CA LEU A 83 -4.92 18.57 28.75
C LEU A 83 -5.21 17.11 29.06
N PHE A 84 -4.16 16.36 29.43
CA PHE A 84 -4.27 14.92 29.65
C PHE A 84 -4.15 14.56 31.13
N ALA A 85 -3.28 15.25 31.84
CA ALA A 85 -2.92 14.88 33.21
C ALA A 85 -4.07 15.19 34.19
N GLY A 86 -4.01 14.58 35.36
CA GLY A 86 -4.93 14.89 36.44
C GLY A 86 -4.32 15.85 37.45
N ASN A 87 -5.18 16.50 38.23
CA ASN A 87 -4.79 17.54 39.16
C ASN A 87 -4.50 16.95 40.55
N TYR A 88 -3.25 17.04 41.01
CA TYR A 88 -2.80 16.28 42.18
C TYR A 88 -3.44 16.75 43.50
N VAL A 89 -3.95 18.00 43.51
CA VAL A 89 -4.60 18.53 44.71
C VAL A 89 -5.98 17.91 44.96
N LEU A 90 -6.49 17.18 43.96
CA LEU A 90 -7.76 16.46 44.09
C LEU A 90 -7.57 15.05 44.67
N ILE A 91 -6.33 14.68 44.95
CA ILE A 91 -6.03 13.36 45.47
C ILE A 91 -6.43 13.26 46.93
N ASP A 92 -7.04 12.13 47.30
CA ASP A 92 -7.39 11.83 48.68
C ASP A 92 -6.16 11.28 49.41
N PRO A 93 -5.64 12.04 50.37
CA PRO A 93 -4.42 11.66 51.09
C PRO A 93 -4.63 10.52 52.09
N GLU A 94 -5.89 10.22 52.40
CA GLU A 94 -6.21 9.14 53.35
C GLU A 94 -5.95 7.75 52.74
N GLU A 95 -5.93 7.67 51.41
CA GLU A 95 -5.52 6.43 50.73
C GLU A 95 -4.04 6.17 50.92
N LEU A 96 -3.25 7.25 50.96
CA LEU A 96 -1.82 7.13 51.23
C LEU A 96 -1.57 6.61 52.65
N LEU A 97 -2.45 6.97 53.58
CA LEU A 97 -2.38 6.47 54.96
C LEU A 97 -2.74 4.99 55.02
N GLU A 98 -3.72 4.59 54.21
CA GLU A 98 -4.20 3.20 54.19
C GLU A 98 -3.15 2.25 53.59
N GLU A 99 -2.34 2.78 52.69
CA GLU A 99 -1.34 1.97 51.98
C GLU A 99 0.03 2.07 52.67
N ASP A 100 0.05 2.59 53.90
CA ASP A 100 1.28 2.70 54.70
C ASP A 100 2.39 3.47 53.98
N LEU A 101 2.00 4.52 53.26
CA LEU A 101 2.96 5.40 52.60
C LEU A 101 3.18 6.69 53.39
N ILE A 102 2.22 7.02 54.27
CA ILE A 102 2.41 8.10 55.24
C ILE A 102 1.90 7.69 56.62
N LYS A 103 2.35 8.42 57.64
CA LYS A 103 1.89 8.18 59.02
C LYS A 103 0.62 8.99 59.30
N GLU A 104 -0.06 8.65 60.39
CA GLU A 104 -1.31 9.31 60.75
C GLU A 104 -1.11 10.78 61.11
N ARG A 105 0.07 11.11 61.66
CA ARG A 105 0.35 12.47 62.11
C ARG A 105 0.64 13.42 60.95
N ASP A 106 0.93 12.86 59.76
CA ASP A 106 1.11 13.65 58.55
C ASP A 106 -0.22 14.24 58.07
N LEU A 107 -1.32 13.55 58.37
CA LEU A 107 -2.66 14.05 58.05
C LEU A 107 -3.02 15.23 58.94
N LYS A 108 -3.75 16.18 58.37
CA LYS A 108 -3.93 17.49 58.99
C LYS A 108 -5.26 18.12 58.54
N ARG A 109 -6.27 18.08 59.40
CA ARG A 109 -7.61 18.55 59.07
C ARG A 109 -7.65 20.08 58.96
N PHE A 110 -8.41 20.58 57.98
CA PHE A 110 -8.80 21.99 57.93
C PHE A 110 -10.33 22.09 58.02
N PRO A 111 -10.83 23.16 58.65
CA PRO A 111 -12.28 23.41 58.72
C PRO A 111 -12.91 23.64 57.35
N LEU A 112 -14.20 23.32 57.21
CA LEU A 112 -14.89 23.45 55.92
C LEU A 112 -15.05 24.93 55.57
N GLY A 113 -14.38 25.34 54.52
CA GLY A 113 -14.55 26.68 53.97
C GLY A 113 -14.26 26.71 52.48
N GLU A 114 -13.74 27.82 52.00
CA GLU A 114 -13.35 27.95 50.60
C GLU A 114 -12.09 27.14 50.30
N ALA A 115 -11.91 26.76 49.03
CA ALA A 115 -10.78 25.96 48.61
C ALA A 115 -9.48 26.69 48.88
N LEU A 116 -8.58 26.04 49.63
CA LEU A 116 -7.35 26.65 50.07
C LEU A 116 -6.21 26.27 49.09
N TYR A 117 -6.29 26.82 47.88
CA TYR A 117 -5.40 26.40 46.79
C TYR A 117 -3.93 26.53 47.17
N GLU A 118 -3.53 27.74 47.61
CA GLU A 118 -2.15 27.99 48.00
C GLU A 118 -1.63 26.90 48.92
N VAL A 119 -2.41 26.57 49.95
CA VAL A 119 -1.93 25.67 50.98
C VAL A 119 -1.96 24.20 50.57
N VAL A 120 -2.93 23.82 49.72
CA VAL A 120 -3.05 22.42 49.30
C VAL A 120 -2.03 22.04 48.22
N TYR A 121 -1.64 23.01 47.38
CA TYR A 121 -0.53 22.80 46.45
C TYR A 121 0.71 22.34 47.20
N GLU A 122 1.00 23.02 48.31
CA GLU A 122 2.21 22.75 49.10
C GLU A 122 2.04 21.50 49.96
N TYR A 123 0.86 21.38 50.58
CA TYR A 123 0.61 20.31 51.56
C TYR A 123 0.48 18.94 50.88
N LYS A 124 -0.28 18.88 49.80
CA LYS A 124 -0.49 17.62 49.09
C LYS A 124 0.78 17.19 48.32
N LYS A 125 1.57 18.18 47.89
CA LYS A 125 2.86 17.89 47.28
C LYS A 125 3.80 17.25 48.28
N GLU A 126 3.73 17.70 49.54
CA GLU A 126 4.59 17.18 50.59
C GLU A 126 4.18 15.76 50.98
N LEU A 127 2.88 15.52 51.05
CA LEU A 127 2.35 14.19 51.34
C LEU A 127 2.74 13.19 50.24
N LEU A 128 2.75 13.67 49.00
CA LEU A 128 3.03 12.81 47.84
C LEU A 128 4.53 12.57 47.68
N GLU A 129 5.34 13.54 48.10
CA GLU A 129 6.79 13.39 48.11
C GLU A 129 7.18 12.34 49.13
N LYS A 130 6.52 12.37 50.29
CA LYS A 130 6.79 11.44 51.37
C LYS A 130 6.31 10.03 51.01
N ALA A 131 5.17 9.96 50.31
CA ALA A 131 4.60 8.68 49.91
C ALA A 131 5.47 8.00 48.86
N PHE A 132 6.06 8.80 47.97
CA PHE A 132 6.92 8.28 46.91
C PHE A 132 8.19 7.65 47.46
N LYS A 133 8.68 8.18 48.59
CA LYS A 133 9.86 7.63 49.27
C LYS A 133 9.57 6.24 49.84
N ASN A 134 8.41 6.07 50.44
CA ASN A 134 8.01 4.80 51.05
C ASN A 134 7.33 3.88 50.04
N PHE A 135 7.69 4.03 48.77
CA PHE A 135 7.05 3.30 47.69
C PHE A 135 8.11 2.59 46.84
N ARG A 136 7.68 1.58 46.10
CA ARG A 136 8.02 0.21 46.42
C ARG A 136 7.60 -0.72 45.28
N ARG A 137 6.34 -0.60 44.87
CA ARG A 137 5.78 -1.43 43.82
C ARG A 137 5.89 -0.75 42.47
N PHE A 138 7.12 -0.66 41.96
CA PHE A 138 7.41 0.11 40.73
C PHE A 138 6.96 -0.64 39.47
N GLU A 139 6.72 -1.94 39.60
CA GLU A 139 6.18 -2.74 38.50
C GLU A 139 4.77 -2.28 38.10
N LEU A 140 3.99 -1.86 39.09
CA LEU A 140 2.65 -1.32 38.83
C LEU A 140 2.70 0.03 38.14
N LEU A 141 3.78 0.77 38.37
CA LEU A 141 4.02 2.03 37.69
C LEU A 141 4.35 1.82 36.21
N GLU A 142 5.02 0.71 35.90
CA GLU A 142 5.46 0.43 34.54
C GLU A 142 4.29 0.04 33.63
N ASP A 143 3.32 -0.69 34.19
CA ASP A 143 2.10 -1.04 33.46
C ASP A 143 1.25 0.21 33.21
N PHE A 144 1.23 1.10 34.19
CA PHE A 144 0.50 2.36 34.06
C PHE A 144 1.09 3.21 32.96
N LEU A 145 2.43 3.27 32.90
CA LEU A 145 3.14 4.07 31.90
C LEU A 145 2.84 3.59 30.48
N LYS A 146 2.76 2.27 30.32
CA LYS A 146 2.45 1.68 29.02
C LYS A 146 1.06 2.07 28.56
N GLU A 147 0.08 1.94 29.47
CA GLU A 147 -1.30 2.31 29.17
C GLU A 147 -1.41 3.76 28.70
N HIS A 148 -0.63 4.66 29.32
CA HIS A 148 -0.73 6.10 29.06
C HIS A 148 0.51 6.63 28.33
N SER A 149 1.17 5.75 27.57
CA SER A 149 2.45 6.08 26.91
C SER A 149 2.34 7.30 26.00
N TYR A 150 1.16 7.49 25.41
CA TYR A 150 0.95 8.52 24.40
C TYR A 150 1.09 9.96 24.96
N TRP A 151 0.88 10.13 26.27
CA TRP A 151 0.98 11.49 26.88
C TRP A 151 1.90 11.55 28.13
N LEU A 152 2.02 10.45 28.87
CA LEU A 152 2.56 10.49 30.23
C LEU A 152 4.10 10.54 30.25
N ARG A 153 4.73 9.86 29.30
CA ARG A 153 6.19 9.94 29.14
C ARG A 153 6.60 11.38 28.93
N ASP A 154 5.85 12.09 28.09
CA ASP A 154 6.14 13.47 27.76
C ASP A 154 5.82 14.40 28.92
N TYR A 155 4.74 14.11 29.65
CA TYR A 155 4.28 15.01 30.72
C TYR A 155 5.21 14.92 31.92
N ALA A 156 5.53 13.70 32.34
CA ALA A 156 6.39 13.49 33.51
C ALA A 156 7.81 14.05 33.27
N LEU A 157 8.28 13.96 32.03
CA LEU A 157 9.57 14.51 31.67
C LEU A 157 9.50 16.05 31.61
N TYR A 158 8.39 16.55 31.08
CA TYR A 158 8.13 17.99 31.04
C TYR A 158 8.18 18.58 32.45
N MET A 159 7.58 17.89 33.41
CA MET A 159 7.51 18.38 34.79
C MET A 159 8.88 18.28 35.48
N ALA A 160 9.68 17.29 35.10
CA ALA A 160 10.99 17.08 35.73
C ALA A 160 12.01 18.11 35.26
N ILE A 161 11.91 18.50 33.98
CA ILE A 161 12.80 19.52 33.42
C ILE A 161 12.39 20.92 33.91
N LYS A 162 11.08 21.14 34.02
CA LYS A 162 10.55 22.40 34.56
C LYS A 162 11.01 22.61 36.00
N GLU A 163 11.07 21.52 36.76
CA GLU A 163 11.55 21.55 38.13
C GLU A 163 13.02 21.97 38.18
N GLU A 164 13.84 21.31 37.38
CA GLU A 164 15.28 21.48 37.44
C GLU A 164 15.68 22.90 37.03
N GLU A 165 15.34 23.27 35.80
CA GLU A 165 15.72 24.56 35.24
C GLU A 165 14.96 25.71 35.92
N GLY A 166 13.80 25.40 36.50
CA GLY A 166 12.95 26.41 37.10
C GLY A 166 12.39 27.37 36.08
N LYS A 167 12.17 26.88 34.86
CA LYS A 167 11.74 27.72 33.74
C LYS A 167 10.66 27.02 32.91
N GLU A 168 9.95 27.80 32.10
CA GLU A 168 8.96 27.26 31.16
C GLU A 168 9.66 26.59 29.97
N TRP A 169 8.92 25.84 29.16
CA TRP A 169 9.52 25.02 28.10
C TRP A 169 10.12 25.87 27.00
N TYR A 170 9.48 27.02 26.71
CA TYR A 170 9.95 27.91 25.65
C TYR A 170 11.15 28.75 26.10
N GLU A 171 11.54 28.61 27.37
CA GLU A 171 12.72 29.28 27.90
C GLU A 171 13.91 28.31 28.08
N TRP A 172 13.66 27.01 27.89
CA TRP A 172 14.71 25.99 28.04
C TRP A 172 15.76 26.13 26.96
N ASP A 173 16.92 25.50 27.19
CA ASP A 173 17.94 25.36 26.15
C ASP A 173 17.30 24.90 24.84
N GLU A 174 17.84 25.37 23.73
CA GLU A 174 17.20 25.23 22.42
C GLU A 174 16.99 23.75 22.06
N GLU A 175 17.87 22.88 22.55
CA GLU A 175 17.83 21.48 22.19
C GLU A 175 16.68 20.73 22.88
N LEU A 176 16.45 21.05 24.15
CA LEU A 176 15.31 20.49 24.88
C LEU A 176 14.01 21.16 24.45
N LYS A 177 14.09 22.45 24.13
CA LYS A 177 12.94 23.24 23.72
C LYS A 177 12.31 22.67 22.42
N ARG A 178 13.18 22.25 21.50
CA ARG A 178 12.72 21.77 20.20
C ARG A 178 12.71 20.24 20.15
N ARG A 179 12.92 19.62 21.31
CA ARG A 179 12.77 18.17 21.46
C ARG A 179 13.68 17.39 20.50
N GLU A 180 14.96 17.78 20.46
CA GLU A 180 15.96 16.99 19.76
C GLU A 180 16.09 15.61 20.40
N LYS A 181 16.14 14.59 19.56
CA LYS A 181 16.01 13.20 20.03
C LYS A 181 17.04 12.88 21.13
N GLU A 182 18.31 13.18 20.85
CA GLU A 182 19.40 12.78 21.73
C GLU A 182 19.34 13.52 23.08
N ALA A 183 19.03 14.82 23.02
CA ALA A 183 19.01 15.65 24.22
C ALA A 183 17.92 15.19 25.20
N LEU A 184 16.80 14.68 24.67
CA LEU A 184 15.70 14.17 25.50
C LEU A 184 16.14 12.90 26.25
N LYS A 185 16.88 12.03 25.56
CA LYS A 185 17.38 10.80 26.18
C LYS A 185 18.28 11.11 27.36
N ARG A 186 19.21 12.04 27.17
CA ARG A 186 20.21 12.38 28.20
C ARG A 186 19.54 12.90 29.45
N VAL A 187 18.63 13.85 29.29
CA VAL A 187 18.03 14.54 30.42
C VAL A 187 17.04 13.63 31.19
N LEU A 188 16.50 12.62 30.49
CA LEU A 188 15.58 11.64 31.10
C LEU A 188 16.30 10.77 32.11
N ASN A 189 17.42 10.19 31.68
CA ASN A 189 18.25 9.36 32.56
C ASN A 189 18.78 10.17 33.75
N LYS A 190 19.15 11.42 33.50
CA LYS A 190 19.63 12.31 34.56
C LYS A 190 18.56 12.52 35.63
N LEU A 191 17.36 12.90 35.19
CA LEU A 191 16.27 13.20 36.10
C LEU A 191 15.32 12.00 36.25
N LYS A 192 15.90 10.80 36.26
CA LYS A 192 15.11 9.57 36.23
C LYS A 192 14.23 9.44 37.47
N GLY A 193 14.80 9.76 38.63
CA GLY A 193 14.07 9.71 39.88
C GLY A 193 12.91 10.70 39.92
N ARG A 194 13.16 11.88 39.39
CA ARG A 194 12.14 12.94 39.34
C ARG A 194 11.05 12.60 38.31
N PHE A 195 11.47 12.00 37.21
CA PHE A 195 10.53 11.55 36.18
C PHE A 195 9.50 10.61 36.80
N TYR A 196 9.97 9.64 37.57
CA TYR A 196 9.11 8.59 38.09
C TYR A 196 8.24 9.07 39.26
N PHE A 197 8.66 10.16 39.92
CA PHE A 197 7.82 10.80 40.93
C PHE A 197 6.56 11.35 40.27
N HIS A 198 6.71 11.92 39.10
CA HIS A 198 5.60 12.58 38.41
C HIS A 198 4.65 11.58 37.77
N VAL A 199 5.17 10.43 37.35
CA VAL A 199 4.27 9.35 36.89
C VAL A 199 3.55 8.73 38.08
N PHE A 200 4.25 8.63 39.22
CA PHE A 200 3.65 8.12 40.46
C PHE A 200 2.47 8.98 40.90
N VAL A 201 2.62 10.30 40.79
CA VAL A 201 1.54 11.23 41.14
C VAL A 201 0.33 11.01 40.22
N GLN A 202 0.59 10.86 38.92
CA GLN A 202 -0.47 10.59 37.96
C GLN A 202 -1.11 9.22 38.19
N PHE A 203 -0.27 8.24 38.53
CA PHE A 203 -0.75 6.91 38.89
C PHE A 203 -1.77 6.98 40.03
N VAL A 204 -1.40 7.66 41.11
CA VAL A 204 -2.26 7.79 42.27
C VAL A 204 -3.58 8.45 41.89
N PHE A 205 -3.53 9.48 41.06
CA PHE A 205 -4.73 10.22 40.67
C PHE A 205 -5.67 9.35 39.86
N PHE A 206 -5.13 8.67 38.85
CA PHE A 206 -5.95 7.96 37.88
C PHE A 206 -6.52 6.68 38.48
N LYS A 207 -5.81 6.09 39.43
CA LYS A 207 -6.31 4.92 40.15
C LYS A 207 -7.46 5.30 41.09
N GLN A 208 -7.36 6.47 41.70
CA GLN A 208 -8.43 6.97 42.56
C GLN A 208 -9.69 7.34 41.72
N TRP A 209 -9.47 7.89 40.54
CA TRP A 209 -10.58 8.22 39.67
C TRP A 209 -11.24 6.95 39.09
N GLU A 210 -10.41 5.96 38.76
CA GLU A 210 -10.91 4.69 38.25
C GLU A 210 -11.85 4.04 39.25
N LYS A 211 -11.47 4.08 40.53
CA LYS A 211 -12.27 3.51 41.60
C LYS A 211 -13.59 4.29 41.77
N LEU A 212 -13.51 5.60 41.70
CA LEU A 212 -14.68 6.45 41.87
C LEU A 212 -15.62 6.27 40.68
N ARG A 213 -15.05 6.15 39.49
CA ARG A 213 -15.83 6.00 38.27
C ARG A 213 -16.60 4.67 38.26
N ARG A 214 -15.97 3.61 38.73
CA ARG A 214 -16.62 2.32 38.83
C ARG A 214 -17.81 2.38 39.79
N TYR A 215 -17.60 3.04 40.93
CA TYR A 215 -18.64 3.23 41.91
C TYR A 215 -19.85 3.95 41.26
N ALA A 216 -19.57 5.00 40.51
CA ALA A 216 -20.61 5.77 39.84
C ALA A 216 -21.34 4.92 38.79
N ARG A 217 -20.58 4.22 37.96
CA ARG A 217 -21.13 3.45 36.83
C ARG A 217 -22.03 2.29 37.30
N GLU A 218 -21.66 1.65 38.39
CA GLU A 218 -22.43 0.52 38.93
C GLU A 218 -23.78 1.00 39.49
N ARG A 219 -23.87 2.30 39.77
CA ARG A 219 -25.11 2.90 40.25
C ARG A 219 -25.82 3.71 39.14
N GLY A 220 -25.40 3.51 37.90
CA GLY A 220 -26.10 4.05 36.74
C GLY A 220 -25.84 5.54 36.51
N ILE A 221 -24.79 6.05 37.15
CA ILE A 221 -24.44 7.46 37.03
C ILE A 221 -23.40 7.64 35.94
N SER A 222 -23.72 8.45 34.94
CA SER A 222 -22.78 8.82 33.89
C SER A 222 -22.12 10.14 34.23
N ILE A 223 -20.82 10.23 33.97
CA ILE A 223 -20.07 11.41 34.31
C ILE A 223 -19.83 12.27 33.07
N VAL A 224 -20.25 13.52 33.16
CA VAL A 224 -19.99 14.49 32.12
C VAL A 224 -18.71 15.25 32.46
N GLY A 225 -17.69 15.04 31.64
CA GLY A 225 -16.45 15.77 31.78
C GLY A 225 -16.37 16.90 30.79
N ASP A 226 -15.30 17.67 30.88
CA ASP A 226 -15.22 18.96 30.24
C ASP A 226 -13.89 19.09 29.50
N LEU A 227 -13.96 19.32 28.19
CA LEU A 227 -12.77 19.44 27.35
C LEU A 227 -12.59 20.88 26.92
N PRO A 228 -11.60 21.57 27.48
CA PRO A 228 -11.26 22.92 27.03
C PRO A 228 -10.88 22.92 25.56
N MET A 229 -11.24 23.96 24.83
CA MET A 229 -10.91 24.06 23.41
C MET A 229 -9.40 24.02 23.22
N TYR A 230 -8.70 24.80 24.05
CA TYR A 230 -7.29 25.12 23.85
C TYR A 230 -6.48 24.72 25.09
N PRO A 231 -5.22 24.31 24.89
CA PRO A 231 -4.25 24.26 25.97
C PRO A 231 -3.69 25.64 26.24
N SER A 232 -3.02 25.81 27.37
CA SER A 232 -2.24 27.03 27.60
C SER A 232 -0.94 26.95 26.79
N TYR A 233 -0.36 28.09 26.48
CA TYR A 233 0.92 28.13 25.78
C TYR A 233 1.98 27.42 26.61
N SER A 234 1.91 27.60 27.92
CA SER A 234 2.81 26.94 28.85
C SER A 234 2.28 25.56 29.23
N SER A 235 2.34 24.63 28.29
CA SER A 235 1.86 23.27 28.53
C SER A 235 2.74 22.24 27.82
N ALA A 236 2.73 21.02 28.33
CA ALA A 236 3.40 19.91 27.68
C ALA A 236 2.82 19.66 26.28
N ASP A 237 1.56 20.05 26.06
CA ASP A 237 0.86 19.77 24.81
C ASP A 237 1.42 20.59 23.65
N VAL A 238 1.65 21.89 23.89
CA VAL A 238 2.25 22.76 22.86
C VAL A 238 3.71 22.38 22.66
N TRP A 239 4.39 22.11 23.76
CA TRP A 239 5.78 21.64 23.72
C TRP A 239 5.94 20.40 22.82
N THR A 240 5.03 19.43 22.96
CA THR A 240 5.16 18.15 22.24
C THR A 240 4.67 18.23 20.80
N ASN A 241 3.72 19.13 20.54
CA ASN A 241 3.12 19.25 19.21
C ASN A 241 3.07 20.69 18.72
N PRO A 242 4.23 21.34 18.59
CA PRO A 242 4.29 22.75 18.18
C PRO A 242 3.67 23.01 16.81
N GLU A 243 3.87 22.06 15.88
CA GLU A 243 3.32 22.18 14.52
C GLU A 243 1.77 22.22 14.50
N LEU A 244 1.15 21.77 15.59
CA LEU A 244 -0.32 21.78 15.70
C LEU A 244 -0.86 23.17 16.11
N PHE A 245 0.05 24.12 16.31
CA PHE A 245 -0.33 25.48 16.68
C PHE A 245 0.33 26.50 15.77
N LYS A 246 -0.19 27.73 15.76
CA LYS A 246 0.34 28.77 14.89
C LYS A 246 1.48 29.50 15.59
N LEU A 247 2.69 28.96 15.42
CA LEU A 247 3.88 29.55 16.02
C LEU A 247 4.86 29.96 14.91
N ASP A 248 5.78 30.86 15.25
CA ASP A 248 6.80 31.29 14.30
C ASP A 248 8.06 30.40 14.41
N GLY A 249 9.17 30.87 13.84
CA GLY A 249 10.40 30.09 13.82
C GLY A 249 10.95 29.78 15.21
N ASP A 250 10.71 30.67 16.17
CA ASP A 250 11.22 30.50 17.55
C ASP A 250 10.18 29.79 18.46
N LEU A 251 9.09 29.31 17.87
CA LEU A 251 8.02 28.61 18.61
C LEU A 251 7.27 29.55 19.59
N LYS A 252 7.37 30.86 19.36
CA LYS A 252 6.49 31.83 20.01
C LYS A 252 5.20 31.97 19.20
N PRO A 253 4.07 32.21 19.88
CA PRO A 253 2.78 32.32 19.22
C PRO A 253 2.78 33.41 18.14
N LEU A 254 2.32 33.05 16.94
CA LEU A 254 2.10 34.03 15.88
C LEU A 254 0.70 34.64 16.00
N PHE A 255 -0.26 33.81 16.43
CA PHE A 255 -1.59 34.30 16.78
C PHE A 255 -2.09 33.66 18.08
N VAL A 256 -2.97 34.37 18.79
CA VAL A 256 -3.52 33.86 20.05
C VAL A 256 -5.05 33.91 20.05
N ALA A 257 -5.65 33.25 21.04
CA ALA A 257 -7.08 32.96 21.02
C ALA A 257 -7.86 34.01 21.79
N GLY A 258 -9.15 34.07 21.54
CA GLY A 258 -10.04 34.97 22.23
C GLY A 258 -11.41 34.99 21.60
N VAL A 259 -12.19 36.02 21.93
CA VAL A 259 -13.45 36.29 21.24
C VAL A 259 -13.61 37.80 21.01
N PRO A 260 -14.37 38.18 19.99
CA PRO A 260 -14.49 39.58 19.59
C PRO A 260 -15.34 40.40 20.58
N PRO A 261 -15.32 41.73 20.43
CA PRO A 261 -16.17 42.60 21.26
C PRO A 261 -17.66 42.25 21.16
N ASP A 262 -18.34 42.18 22.30
CA ASP A 262 -19.79 41.93 22.33
C ASP A 262 -20.54 43.24 22.55
N PHE A 263 -21.82 43.13 22.93
CA PHE A 263 -22.51 44.23 23.62
C PHE A 263 -22.47 44.00 25.14
N PHE A 264 -22.20 42.76 25.55
CA PHE A 264 -21.80 42.46 26.93
C PHE A 264 -20.45 43.14 27.26
N SER A 265 -19.36 42.57 26.75
CA SER A 265 -18.02 43.12 26.97
C SER A 265 -17.71 44.20 25.95
N LYS A 266 -16.83 45.13 26.33
CA LYS A 266 -16.56 46.31 25.52
C LYS A 266 -15.46 46.02 24.49
N THR A 267 -14.42 45.33 24.93
CA THR A 267 -13.23 45.11 24.09
C THR A 267 -12.87 43.61 23.97
N GLY A 268 -13.88 42.76 24.19
CA GLY A 268 -13.69 41.32 24.04
C GLY A 268 -12.83 40.73 25.14
N GLN A 269 -12.48 39.45 24.99
CA GLN A 269 -11.60 38.78 25.93
C GLN A 269 -10.38 38.21 25.22
N LEU A 270 -9.21 38.43 25.80
CA LEU A 270 -7.97 37.85 25.29
C LEU A 270 -7.57 36.66 26.15
N TRP A 271 -7.79 35.45 25.63
CA TRP A 271 -7.53 34.23 26.39
C TRP A 271 -6.04 33.93 26.48
N GLY A 272 -5.30 34.30 25.44
CA GLY A 272 -3.85 34.20 25.46
C GLY A 272 -3.33 32.80 25.13
N ASN A 273 -4.23 31.88 24.79
CA ASN A 273 -3.82 30.59 24.22
C ASN A 273 -3.31 30.78 22.80
N PRO A 274 -2.38 29.94 22.37
CA PRO A 274 -2.03 29.87 20.95
C PRO A 274 -3.16 29.19 20.19
N VAL A 275 -3.45 29.64 18.98
CA VAL A 275 -4.52 29.05 18.18
C VAL A 275 -4.00 27.83 17.43
N TYR A 276 -4.90 26.96 17.03
CA TYR A 276 -4.55 25.77 16.28
C TYR A 276 -4.20 26.14 14.85
N ASN A 277 -3.15 25.52 14.31
CA ASN A 277 -2.96 25.42 12.88
C ASN A 277 -3.77 24.26 12.31
N TRP A 278 -5.03 24.52 12.00
CA TRP A 278 -5.99 23.46 11.71
C TRP A 278 -5.65 22.68 10.45
N GLU A 279 -4.95 23.33 9.53
CA GLU A 279 -4.55 22.66 8.30
C GLU A 279 -3.55 21.53 8.59
N GLU A 280 -2.78 21.67 9.67
CA GLU A 280 -1.87 20.61 10.11
C GLU A 280 -2.62 19.45 10.80
N HIS A 281 -3.70 19.76 11.49
CA HIS A 281 -4.52 18.73 12.13
C HIS A 281 -5.18 17.87 11.10
N GLU A 282 -5.71 18.49 10.05
CA GLU A 282 -6.33 17.77 8.95
C GLU A 282 -5.28 16.93 8.21
N LYS A 283 -4.06 17.45 8.14
CA LYS A 283 -2.95 16.75 7.47
C LYS A 283 -2.56 15.46 8.20
N GLU A 284 -2.64 15.48 9.55
CA GLU A 284 -2.32 14.30 10.36
C GLU A 284 -3.60 13.51 10.75
N GLY A 285 -4.67 13.70 9.97
CA GLY A 285 -5.89 12.93 10.15
C GLY A 285 -6.58 13.15 11.49
N PHE A 286 -6.37 14.33 12.06
CA PHE A 286 -6.99 14.72 13.35
C PHE A 286 -6.64 13.74 14.48
N ARG A 287 -5.46 13.13 14.42
CA ARG A 287 -5.14 12.04 15.35
C ARG A 287 -4.85 12.54 16.77
N TRP A 288 -4.43 13.79 16.90
CA TRP A 288 -4.24 14.41 18.23
C TRP A 288 -5.59 14.59 18.91
N TRP A 289 -6.57 15.08 18.17
CA TRP A 289 -7.92 15.26 18.71
C TRP A 289 -8.56 13.91 19.03
N ILE A 290 -8.32 12.92 18.19
CA ILE A 290 -8.80 11.57 18.44
C ILE A 290 -8.20 11.02 19.74
N ARG A 291 -6.90 11.24 19.94
CA ARG A 291 -6.23 10.80 21.17
C ARG A 291 -6.80 11.52 22.41
N ARG A 292 -7.13 12.79 22.25
CA ARG A 292 -7.76 13.57 23.33
C ARG A 292 -9.07 12.93 23.75
N VAL A 293 -9.87 12.53 22.77
CA VAL A 293 -11.20 11.99 23.03
C VAL A 293 -11.09 10.61 23.65
N LEU A 294 -10.26 9.75 23.05
CA LEU A 294 -10.01 8.41 23.60
C LEU A 294 -9.55 8.49 25.07
N HIS A 295 -8.60 9.39 25.34
CA HIS A 295 -8.07 9.56 26.70
C HIS A 295 -9.17 9.95 27.67
N ASN A 296 -9.95 10.96 27.31
CA ASN A 296 -10.97 11.49 28.18
C ASN A 296 -12.14 10.50 28.41
N LEU A 297 -12.35 9.59 27.44
CA LEU A 297 -13.38 8.54 27.60
C LEU A 297 -12.95 7.44 28.59
N LYS A 298 -11.66 7.42 28.96
CA LYS A 298 -11.21 6.60 30.11
C LYS A 298 -11.80 7.13 31.41
N LEU A 299 -12.05 8.44 31.45
CA LEU A 299 -12.50 9.11 32.66
C LEU A 299 -14.01 9.32 32.65
N PHE A 300 -14.55 9.73 31.49
CA PHE A 300 -15.91 10.28 31.42
C PHE A 300 -16.76 9.51 30.42
N ASP A 301 -18.08 9.64 30.58
CA ASP A 301 -19.02 9.08 29.62
C ASP A 301 -19.37 10.10 28.55
N PHE A 302 -19.53 11.35 28.95
CA PHE A 302 -19.78 12.43 28.01
C PHE A 302 -18.69 13.49 28.08
N LEU A 303 -18.41 14.10 26.94
CA LEU A 303 -17.41 15.13 26.83
C LEU A 303 -18.05 16.42 26.39
N ARG A 304 -18.11 17.38 27.30
CA ARG A 304 -18.62 18.70 26.98
C ARG A 304 -17.55 19.49 26.25
N LEU A 305 -17.88 19.92 25.03
CA LEU A 305 -16.92 20.60 24.19
C LEU A 305 -16.96 22.10 24.41
N ASP A 306 -16.05 22.58 25.23
CA ASP A 306 -15.90 23.99 25.53
C ASP A 306 -15.69 24.81 24.24
N HIS A 307 -16.41 25.93 24.13
CA HIS A 307 -16.32 26.81 22.97
C HIS A 307 -16.53 26.02 21.65
N PHE A 308 -17.61 25.26 21.58
CA PHE A 308 -17.90 24.41 20.43
C PHE A 308 -17.86 25.20 19.11
N ARG A 309 -18.29 26.46 19.14
CA ARG A 309 -18.39 27.26 17.93
C ARG A 309 -17.00 27.44 17.25
N GLY A 310 -15.94 27.27 18.03
CA GLY A 310 -14.59 27.34 17.51
C GLY A 310 -14.25 26.27 16.46
N PHE A 311 -15.04 25.19 16.43
CA PHE A 311 -14.84 24.12 15.45
C PHE A 311 -15.39 24.53 14.07
N GLU A 312 -16.28 25.52 14.06
CA GLU A 312 -16.75 26.12 12.80
C GLU A 312 -15.88 27.30 12.40
N ALA A 313 -15.63 28.19 13.35
CA ALA A 313 -14.72 29.32 13.13
C ALA A 313 -14.25 29.88 14.48
N TYR A 314 -13.00 30.33 14.53
CA TYR A 314 -12.41 30.80 15.78
C TYR A 314 -11.84 32.21 15.63
N TRP A 315 -11.87 32.96 16.72
CA TRP A 315 -11.36 34.31 16.73
C TRP A 315 -9.83 34.30 16.90
N GLU A 316 -9.14 34.92 15.95
CA GLU A 316 -7.69 34.88 15.89
C GLU A 316 -7.12 36.32 15.91
N VAL A 317 -6.30 36.63 16.92
CA VAL A 317 -5.70 37.97 17.05
C VAL A 317 -4.15 37.91 17.07
N PRO A 318 -3.50 38.86 16.39
CA PRO A 318 -2.01 38.91 16.34
C PRO A 318 -1.35 38.99 17.73
N TYR A 319 -0.28 38.21 17.91
CA TYR A 319 0.44 38.18 19.18
C TYR A 319 1.13 39.52 19.43
N GLY A 320 1.08 39.97 20.68
CA GLY A 320 1.61 41.28 21.03
C GLY A 320 0.49 42.30 21.24
N GLU A 321 -0.70 41.98 20.73
CA GLU A 321 -1.87 42.83 20.93
C GLU A 321 -2.30 42.78 22.41
N GLU A 322 -2.73 43.92 22.93
CA GLU A 322 -3.12 44.01 24.34
C GLU A 322 -4.58 43.63 24.54
N THR A 323 -5.39 43.81 23.50
CA THR A 323 -6.80 43.41 23.53
C THR A 323 -7.15 42.51 22.34
N ALA A 324 -8.39 42.05 22.28
CA ALA A 324 -8.84 41.12 21.24
C ALA A 324 -9.63 41.85 20.14
N VAL A 325 -9.49 43.17 20.08
CA VAL A 325 -10.30 43.98 19.17
C VAL A 325 -9.90 43.75 17.72
N ASN A 326 -8.59 43.67 17.45
CA ASN A 326 -8.08 43.61 16.09
C ASN A 326 -7.83 42.17 15.61
N GLY A 327 -8.81 41.31 15.84
CA GLY A 327 -8.75 39.93 15.37
C GLY A 327 -9.58 39.71 14.12
N ARG A 328 -9.82 38.44 13.81
CA ARG A 328 -10.70 38.06 12.71
C ARG A 328 -11.20 36.64 12.87
N TRP A 329 -12.34 36.35 12.26
CA TRP A 329 -12.88 35.00 12.28
C TRP A 329 -12.18 34.14 11.22
N VAL A 330 -11.66 33.01 11.65
CA VAL A 330 -10.98 32.08 10.75
C VAL A 330 -11.70 30.73 10.77
N LYS A 331 -12.08 30.25 9.60
CA LYS A 331 -12.84 28.99 9.48
C LYS A 331 -11.97 27.81 9.89
N ALA A 332 -12.55 26.92 10.69
CA ALA A 332 -11.91 25.65 11.04
C ALA A 332 -12.69 24.48 10.41
N PRO A 333 -12.04 23.33 10.26
CA PRO A 333 -12.62 22.21 9.50
C PRO A 333 -13.50 21.30 10.38
N GLY A 334 -14.56 21.86 10.95
CA GLY A 334 -15.39 21.15 11.90
C GLY A 334 -16.11 19.98 11.27
N LYS A 335 -16.60 20.17 10.04
CA LYS A 335 -17.32 19.11 9.33
C LYS A 335 -16.43 17.87 9.15
N THR A 336 -15.19 18.09 8.72
CA THR A 336 -14.26 16.99 8.49
C THR A 336 -13.82 16.35 9.81
N LEU A 337 -13.62 17.16 10.84
CA LEU A 337 -13.17 16.68 12.14
C LEU A 337 -14.21 15.77 12.77
N PHE A 338 -15.46 16.20 12.76
CA PHE A 338 -16.48 15.49 13.49
C PHE A 338 -16.98 14.27 12.72
N LYS A 339 -16.87 14.30 11.40
CA LYS A 339 -17.14 13.10 10.58
C LYS A 339 -16.21 11.96 10.99
N LYS A 340 -14.94 12.29 11.20
CA LYS A 340 -13.96 11.29 11.63
C LYS A 340 -14.16 10.90 13.09
N LEU A 341 -14.43 11.89 13.94
CA LEU A 341 -14.63 11.61 15.38
C LEU A 341 -15.85 10.72 15.62
N LEU A 342 -16.92 10.95 14.87
CA LEU A 342 -18.15 10.18 15.04
C LEU A 342 -18.04 8.79 14.38
N SER A 343 -17.06 8.63 13.48
CA SER A 343 -16.76 7.32 12.93
C SER A 343 -15.97 6.48 13.94
N TYR A 344 -15.04 7.13 14.63
CA TYR A 344 -14.23 6.49 15.66
C TYR A 344 -15.06 6.26 16.93
N PHE A 345 -16.00 7.19 17.20
CA PHE A 345 -16.80 7.16 18.43
C PHE A 345 -18.29 7.29 18.09
N PRO A 346 -18.84 6.27 17.43
CA PRO A 346 -20.20 6.35 16.85
C PRO A 346 -21.36 6.43 17.87
N LYS A 347 -21.12 6.12 19.15
CA LYS A 347 -22.17 6.21 20.16
C LYS A 347 -22.38 7.67 20.65
N ASN A 348 -21.50 8.57 20.18
CA ASN A 348 -21.64 10.02 20.34
C ASN A 348 -21.64 10.50 21.79
N PRO A 349 -20.44 10.69 22.34
CA PRO A 349 -20.26 11.16 23.70
C PRO A 349 -20.32 12.68 23.82
N PHE A 350 -20.51 13.39 22.71
CA PHE A 350 -20.25 14.83 22.68
C PHE A 350 -21.45 15.66 23.12
N ILE A 351 -21.15 16.70 23.90
CA ILE A 351 -22.11 17.75 24.21
C ILE A 351 -21.48 19.08 23.82
N ALA A 352 -22.25 19.94 23.17
CA ALA A 352 -21.73 21.21 22.71
C ALA A 352 -22.01 22.30 23.75
N GLU A 353 -20.95 22.98 24.19
CA GLU A 353 -21.09 24.30 24.80
C GLU A 353 -21.23 25.33 23.70
N ASP A 354 -22.48 25.62 23.35
CA ASP A 354 -22.78 26.46 22.20
C ASP A 354 -23.46 27.73 22.67
N LEU A 355 -22.99 28.26 23.79
CA LEU A 355 -23.45 29.53 24.30
C LEU A 355 -22.50 30.64 23.85
N GLY A 356 -23.06 31.71 23.30
CA GLY A 356 -22.29 32.90 22.99
C GLY A 356 -21.63 32.84 21.62
N PHE A 357 -21.80 33.93 20.85
CA PHE A 357 -21.26 34.02 19.48
C PHE A 357 -21.75 32.87 18.61
N ILE A 358 -23.03 32.53 18.74
CA ILE A 358 -23.61 31.46 17.95
C ILE A 358 -24.21 32.01 16.65
N THR A 359 -23.87 31.36 15.54
CA THR A 359 -24.51 31.64 14.25
C THR A 359 -25.22 30.38 13.75
N ASP A 360 -25.94 30.51 12.65
CA ASP A 360 -26.64 29.38 12.03
C ASP A 360 -25.65 28.35 11.46
N GLU A 361 -24.48 28.82 11.03
CA GLU A 361 -23.41 27.92 10.61
C GLU A 361 -23.02 26.98 11.73
N VAL A 362 -22.92 27.53 12.95
CA VAL A 362 -22.57 26.74 14.13
C VAL A 362 -23.68 25.76 14.47
N ARG A 363 -24.93 26.24 14.44
CA ARG A 363 -26.08 25.39 14.75
C ARG A 363 -26.19 24.24 13.75
N TYR A 364 -25.90 24.52 12.48
CA TYR A 364 -25.93 23.50 11.45
C TYR A 364 -24.87 22.43 11.68
N LEU A 365 -23.67 22.85 12.07
CA LEU A 365 -22.59 21.90 12.38
C LEU A 365 -23.01 21.00 13.52
N ARG A 366 -23.51 21.60 14.59
CA ARG A 366 -23.95 20.87 15.76
C ARG A 366 -25.02 19.82 15.39
N GLU A 367 -26.04 20.26 14.66
CA GLU A 367 -27.21 19.43 14.40
C GLU A 367 -26.95 18.40 13.31
N THR A 368 -25.97 18.67 12.46
CA THR A 368 -25.58 17.72 11.42
C THR A 368 -25.06 16.42 12.06
N PHE A 369 -24.38 16.55 13.20
CA PHE A 369 -23.80 15.40 13.89
C PHE A 369 -24.59 15.03 15.15
N LYS A 370 -25.80 15.59 15.27
CA LYS A 370 -26.75 15.20 16.34
C LYS A 370 -26.16 15.41 17.71
N ILE A 371 -25.29 16.39 17.83
CA ILE A 371 -24.69 16.73 19.11
C ILE A 371 -25.64 17.63 19.89
N PRO A 372 -26.02 17.22 21.12
CA PRO A 372 -26.89 18.04 21.96
C PRO A 372 -26.26 19.38 22.26
N GLY A 373 -27.06 20.44 22.20
CA GLY A 373 -26.62 21.76 22.59
C GLY A 373 -26.79 21.99 24.08
N SER A 374 -26.49 23.21 24.52
CA SER A 374 -26.69 23.62 25.90
C SER A 374 -27.75 24.73 25.96
N ARG A 375 -28.59 24.66 26.99
CA ARG A 375 -29.51 25.76 27.31
C ARG A 375 -29.47 26.06 28.80
N VAL A 376 -29.71 27.32 29.15
CA VAL A 376 -29.59 27.78 30.52
C VAL A 376 -30.78 28.67 30.84
N ILE A 377 -31.57 28.28 31.82
CA ILE A 377 -32.83 28.98 32.10
C ILE A 377 -32.59 30.39 32.63
N GLU A 378 -31.40 30.62 33.17
CA GLU A 378 -31.00 31.97 33.61
C GLU A 378 -30.97 32.99 32.45
N PHE A 379 -30.79 32.48 31.22
CA PHE A 379 -30.77 33.33 30.01
C PHE A 379 -32.18 33.51 29.38
N ALA A 380 -33.21 32.99 30.05
CA ALA A 380 -34.51 32.78 29.38
C ALA A 380 -35.42 34.01 29.41
N PHE A 381 -35.11 34.98 30.25
CA PHE A 381 -36.07 36.04 30.59
C PHE A 381 -35.56 37.44 30.23
N TYR A 382 -34.59 37.51 29.32
CA TYR A 382 -34.16 38.79 28.74
C TYR A 382 -34.94 39.09 27.45
N ASP A 383 -35.60 38.07 26.91
CA ASP A 383 -36.37 38.20 25.68
C ASP A 383 -37.57 37.23 25.68
N LYS A 384 -38.68 37.66 25.11
CA LYS A 384 -39.95 36.93 25.26
C LYS A 384 -39.97 35.61 24.48
N GLU A 385 -39.12 35.49 23.46
CA GLU A 385 -39.05 34.28 22.64
C GLU A 385 -37.67 33.61 22.72
N SER A 386 -37.00 33.79 23.86
CA SER A 386 -35.68 33.20 24.08
C SER A 386 -35.71 31.69 23.85
N GLU A 387 -34.66 31.18 23.21
CA GLU A 387 -34.55 29.76 22.97
C GLU A 387 -34.24 28.98 24.27
N HIS A 388 -33.99 29.71 25.35
CA HIS A 388 -33.70 29.11 26.64
C HIS A 388 -34.95 29.00 27.52
N LEU A 389 -36.08 29.47 27.03
CA LEU A 389 -37.37 29.21 27.68
C LEU A 389 -37.72 27.70 27.54
N PRO A 390 -38.25 27.12 28.61
CA PRO A 390 -38.57 25.67 28.63
C PRO A 390 -39.29 25.18 27.37
N HIS A 391 -40.29 25.93 26.92
CA HIS A 391 -41.10 25.46 25.79
C HIS A 391 -40.38 25.54 24.44
N ASN A 392 -39.18 26.13 24.43
CA ASN A 392 -38.37 26.21 23.22
C ASN A 392 -37.18 25.24 23.22
N VAL A 393 -37.00 24.50 24.33
CA VAL A 393 -35.89 23.57 24.45
C VAL A 393 -36.27 22.19 23.90
N GLU A 394 -35.64 21.81 22.79
CA GLU A 394 -35.91 20.53 22.13
C GLU A 394 -35.28 19.39 22.92
N GLU A 395 -35.61 18.16 22.56
CA GLU A 395 -35.20 16.96 23.31
C GLU A 395 -33.68 16.83 23.37
N ASN A 396 -33.02 17.04 22.24
CA ASN A 396 -31.58 16.85 22.15
C ASN A 396 -30.81 18.05 22.69
N ASN A 397 -30.89 18.24 24.00
CA ASN A 397 -30.24 19.35 24.67
C ASN A 397 -29.91 18.97 26.10
N VAL A 398 -28.88 19.60 26.64
CA VAL A 398 -28.66 19.64 28.06
C VAL A 398 -29.14 20.99 28.61
N TYR A 399 -30.05 20.96 29.58
CA TYR A 399 -30.72 22.17 30.09
C TYR A 399 -30.25 22.44 31.52
N TYR A 400 -29.55 23.55 31.72
CA TYR A 400 -29.00 23.92 33.02
C TYR A 400 -29.88 24.95 33.71
N THR A 401 -29.92 24.91 35.04
CA THR A 401 -30.42 26.04 35.81
C THR A 401 -29.44 27.19 35.67
N SER A 402 -28.19 26.91 36.00
CA SER A 402 -27.10 27.84 35.76
C SER A 402 -25.79 27.07 35.63
N THR A 403 -24.72 27.77 35.31
CA THR A 403 -23.40 27.13 35.14
C THR A 403 -22.36 27.79 36.01
N HIS A 404 -21.17 27.23 35.98
CA HIS A 404 -20.08 27.71 36.79
C HIS A 404 -19.54 29.09 36.35
N ASP A 405 -19.89 29.51 35.14
CA ASP A 405 -19.51 30.85 34.64
C ASP A 405 -20.53 31.93 35.06
N LEU A 406 -21.59 31.50 35.73
CA LEU A 406 -22.72 32.36 36.02
C LEU A 406 -22.93 32.46 37.51
N PRO A 407 -23.60 33.52 37.96
CA PRO A 407 -24.10 33.56 39.32
C PRO A 407 -25.16 32.48 39.51
N PRO A 408 -25.22 31.87 40.68
CA PRO A 408 -26.33 30.97 41.00
C PRO A 408 -27.65 31.70 40.87
N ILE A 409 -28.71 30.96 40.57
CA ILE A 409 -30.02 31.55 40.26
C ILE A 409 -30.46 32.60 41.30
N ARG A 410 -30.22 32.32 42.57
CA ARG A 410 -30.69 33.21 43.65
C ARG A 410 -29.96 34.56 43.61
N GLY A 411 -28.67 34.54 43.29
CA GLY A 411 -27.88 35.77 43.19
C GLY A 411 -28.16 36.51 41.89
N TRP A 412 -28.41 35.75 40.83
CA TRP A 412 -28.83 36.31 39.55
C TRP A 412 -30.16 37.06 39.72
N PHE A 413 -31.08 36.45 40.47
CA PHE A 413 -32.40 37.06 40.67
C PHE A 413 -32.29 38.32 41.48
N GLU A 414 -31.36 38.34 42.44
CA GLU A 414 -31.18 39.51 43.30
C GLU A 414 -30.90 40.76 42.46
N ASN A 415 -30.08 40.59 41.42
CA ASN A 415 -29.63 41.73 40.60
C ASN A 415 -30.40 41.82 39.28
N LEU A 416 -31.47 41.04 39.14
CA LEU A 416 -32.23 41.01 37.89
C LEU A 416 -33.07 42.28 37.74
N GLY A 417 -33.00 42.90 36.56
CA GLY A 417 -33.72 44.14 36.29
C GLY A 417 -35.23 43.95 36.30
N GLU A 418 -35.96 45.05 36.51
CA GLU A 418 -37.41 44.98 36.70
C GLU A 418 -38.13 44.35 35.49
N GLU A 419 -37.62 44.60 34.29
CA GLU A 419 -38.28 44.15 33.06
C GLU A 419 -38.14 42.64 32.90
N SER A 420 -36.96 42.12 33.22
CA SER A 420 -36.71 40.69 33.13
C SER A 420 -37.44 39.93 34.24
N ARG A 421 -37.57 40.57 35.41
CA ARG A 421 -38.38 40.04 36.49
C ARG A 421 -39.84 39.90 36.06
N LYS A 422 -40.34 40.90 35.35
CA LYS A 422 -41.72 40.89 34.88
C LYS A 422 -41.97 39.71 33.96
N ARG A 423 -41.04 39.48 33.04
CA ARG A 423 -41.12 38.37 32.11
C ARG A 423 -41.12 37.02 32.84
N LEU A 424 -40.32 36.92 33.89
CA LEU A 424 -40.21 35.70 34.69
C LEU A 424 -41.52 35.42 35.41
N PHE A 425 -42.05 36.45 36.07
CA PHE A 425 -43.30 36.33 36.82
C PHE A 425 -44.46 35.96 35.89
N GLU A 426 -44.48 36.57 34.71
CA GLU A 426 -45.56 36.33 33.75
C GLU A 426 -45.48 34.90 33.17
N TYR A 427 -44.27 34.37 33.07
CA TYR A 427 -44.08 33.01 32.59
C TYR A 427 -44.62 32.00 33.61
N LEU A 428 -44.41 32.30 34.90
CA LEU A 428 -44.89 31.43 35.99
C LEU A 428 -46.36 31.67 36.26
N GLY A 429 -46.86 32.83 35.86
CA GLY A 429 -48.23 33.20 36.09
C GLY A 429 -48.44 33.87 37.44
N ARG A 430 -47.35 34.13 38.16
CA ARG A 430 -47.44 34.82 39.45
C ARG A 430 -46.11 35.43 39.87
N GLU A 431 -46.18 36.42 40.76
CA GLU A 431 -45.01 36.92 41.45
C GLU A 431 -44.57 35.93 42.52
N ILE A 432 -43.26 35.69 42.62
CA ILE A 432 -42.74 34.80 43.65
C ILE A 432 -41.62 35.45 44.45
N LYS A 433 -41.49 35.06 45.71
CA LYS A 433 -40.48 35.62 46.60
C LYS A 433 -39.11 35.11 46.21
N GLU A 434 -38.09 35.90 46.49
CA GLU A 434 -36.75 35.64 45.95
C GLU A 434 -36.19 34.27 46.41
N GLU A 435 -36.59 33.84 47.60
CA GLU A 435 -36.09 32.57 48.16
C GLU A 435 -36.76 31.34 47.52
N LYS A 436 -37.86 31.55 46.80
CA LYS A 436 -38.59 30.45 46.15
C LYS A 436 -38.24 30.33 44.65
N VAL A 437 -37.41 31.24 44.15
CA VAL A 437 -37.11 31.30 42.71
C VAL A 437 -36.38 30.05 42.24
N ASN A 438 -35.41 29.58 43.03
CA ASN A 438 -34.65 28.39 42.68
C ASN A 438 -35.55 27.20 42.42
N GLU A 439 -36.49 26.97 43.32
CA GLU A 439 -37.42 25.84 43.20
C GLU A 439 -38.25 25.96 41.93
N GLU A 440 -38.75 27.17 41.65
CA GLU A 440 -39.62 27.40 40.50
C GLU A 440 -38.89 27.14 39.18
N LEU A 441 -37.62 27.52 39.15
CA LEU A 441 -36.83 27.39 37.92
C LEU A 441 -36.30 25.99 37.76
N ILE A 442 -36.04 25.31 38.87
CA ILE A 442 -35.72 23.89 38.84
C ILE A 442 -36.88 23.11 38.21
N ARG A 443 -38.10 23.40 38.65
CA ARG A 443 -39.31 22.75 38.10
C ARG A 443 -39.42 22.98 36.59
N LEU A 444 -39.14 24.21 36.14
CA LEU A 444 -39.22 24.56 34.72
C LEU A 444 -38.20 23.76 33.90
N VAL A 445 -37.01 23.61 34.44
CA VAL A 445 -35.97 22.84 33.78
C VAL A 445 -36.36 21.34 33.72
N LEU A 446 -36.89 20.82 34.84
CA LEU A 446 -37.23 19.40 34.95
C LEU A 446 -38.44 19.03 34.08
N ILE A 447 -39.40 19.94 33.96
CA ILE A 447 -40.63 19.68 33.20
C ILE A 447 -40.39 19.72 31.68
N SER A 448 -39.27 20.32 31.28
CA SER A 448 -38.92 20.44 29.87
C SER A 448 -38.71 19.06 29.25
N ARG A 449 -38.62 19.02 27.94
CA ARG A 449 -38.37 17.77 27.23
C ARG A 449 -36.89 17.54 26.95
N ALA A 450 -36.05 18.48 27.39
CA ALA A 450 -34.58 18.27 27.30
C ALA A 450 -34.24 16.92 27.90
N LYS A 451 -33.46 16.12 27.17
CA LYS A 451 -33.16 14.75 27.61
C LYS A 451 -32.29 14.74 28.88
N PHE A 452 -31.38 15.72 29.00
CA PHE A 452 -30.57 15.89 30.23
C PHE A 452 -30.94 17.23 30.90
N ALA A 453 -31.35 17.16 32.17
CA ALA A 453 -31.57 18.35 32.97
C ALA A 453 -30.53 18.40 34.09
N ILE A 454 -29.77 19.48 34.16
CA ILE A 454 -28.67 19.59 35.12
C ILE A 454 -28.88 20.78 36.04
N ILE A 455 -28.84 20.52 37.34
CA ILE A 455 -28.93 21.58 38.34
C ILE A 455 -27.54 21.87 38.91
N GLN A 456 -27.11 23.12 38.88
CA GLN A 456 -25.90 23.51 39.59
C GLN A 456 -26.13 23.36 41.09
N MET A 457 -25.13 22.81 41.78
CA MET A 457 -25.29 22.45 43.19
C MET A 457 -25.71 23.66 44.01
N GLN A 458 -25.15 24.83 43.67
CA GLN A 458 -25.45 26.07 44.41
C GLN A 458 -26.94 26.42 44.35
N ASP A 459 -27.59 26.05 43.25
CA ASP A 459 -29.04 26.28 43.08
C ASP A 459 -29.84 25.31 43.96
N LEU A 460 -29.40 24.07 44.01
CA LEU A 460 -30.00 23.07 44.90
C LEU A 460 -29.95 23.55 46.34
N LEU A 461 -28.86 24.23 46.71
CA LEU A 461 -28.66 24.68 48.08
C LEU A 461 -29.19 26.10 48.30
N ASN A 462 -29.76 26.69 47.24
CA ASN A 462 -30.39 28.01 47.34
C ASN A 462 -29.39 29.10 47.80
N LEU A 463 -28.22 29.13 47.16
CA LEU A 463 -27.15 30.06 47.53
C LEU A 463 -27.08 31.23 46.56
N GLY A 464 -26.52 32.34 47.02
CA GLY A 464 -26.52 33.59 46.25
C GLY A 464 -25.20 33.84 45.54
N ASN A 465 -24.91 35.12 45.29
CA ASN A 465 -23.74 35.53 44.51
C ASN A 465 -22.41 35.15 45.18
N GLU A 466 -22.44 34.98 46.50
CA GLU A 466 -21.25 34.62 47.26
C GLU A 466 -20.73 33.22 46.87
N ALA A 467 -21.61 32.37 46.34
CA ALA A 467 -21.26 30.99 45.99
C ALA A 467 -20.96 30.83 44.49
N ARG A 468 -20.78 31.95 43.79
CA ARG A 468 -20.43 31.92 42.37
C ARG A 468 -19.06 31.27 42.17
N MET A 469 -18.99 30.30 41.27
CA MET A 469 -17.76 29.56 41.03
C MET A 469 -16.76 30.41 40.26
N ASN A 470 -17.18 30.97 39.13
CA ASN A 470 -16.28 31.77 38.28
C ASN A 470 -16.94 33.01 37.71
N TYR A 471 -16.16 34.10 37.65
CA TYR A 471 -16.57 35.36 37.04
C TYR A 471 -15.68 35.63 35.83
N PRO A 472 -16.17 35.31 34.63
CA PRO A 472 -15.37 35.47 33.40
C PRO A 472 -14.87 36.90 33.23
N GLY A 473 -13.62 37.04 32.77
CA GLY A 473 -13.00 38.35 32.66
C GLY A 473 -12.06 38.61 33.83
N ARG A 474 -12.53 38.33 35.04
CA ARG A 474 -11.71 38.50 36.25
C ARG A 474 -10.72 37.35 36.38
N PRO A 475 -9.44 37.69 36.58
CA PRO A 475 -8.37 36.68 36.58
C PRO A 475 -8.30 35.84 37.86
N PHE A 476 -8.62 36.45 39.01
CA PHE A 476 -8.36 35.84 40.32
C PHE A 476 -9.62 35.81 41.20
N GLY A 477 -9.63 34.92 42.19
CA GLY A 477 -10.73 34.82 43.14
C GLY A 477 -11.68 33.67 42.83
N ASN A 478 -11.46 33.01 41.70
CA ASN A 478 -12.42 32.06 41.16
C ASN A 478 -12.11 30.62 41.58
N TRP A 479 -13.09 29.74 41.36
CA TRP A 479 -12.90 28.29 41.51
C TRP A 479 -12.73 27.88 42.97
N ARG A 480 -13.18 28.73 43.88
CA ARG A 480 -12.90 28.55 45.28
C ARG A 480 -14.11 27.99 46.07
N TRP A 481 -15.32 28.11 45.50
CA TRP A 481 -16.52 27.74 46.26
C TRP A 481 -16.53 26.28 46.64
N ARG A 482 -16.90 26.01 47.89
CA ARG A 482 -17.10 24.64 48.36
C ARG A 482 -18.40 24.53 49.12
N ILE A 483 -18.98 23.34 49.10
CA ILE A 483 -20.07 22.97 50.00
C ILE A 483 -19.59 23.09 51.44
N LYS A 484 -20.39 23.80 52.26
CA LYS A 484 -20.07 23.97 53.68
C LYS A 484 -21.18 23.37 54.59
N GLU A 485 -22.28 22.93 53.98
CA GLU A 485 -23.45 22.48 54.73
C GLU A 485 -23.77 21.02 54.42
N ASP A 486 -24.66 20.43 55.21
CA ASP A 486 -25.14 19.06 54.95
C ASP A 486 -26.18 19.07 53.82
N TYR A 487 -25.70 18.82 52.60
CA TYR A 487 -26.55 18.90 51.41
C TYR A 487 -27.53 17.73 51.30
N THR A 488 -27.33 16.69 52.11
CA THR A 488 -28.19 15.47 52.02
C THR A 488 -29.56 15.70 52.66
N GLN A 489 -29.72 16.79 53.40
CA GLN A 489 -31.02 17.20 53.92
C GLN A 489 -31.99 17.55 52.78
N LYS A 490 -31.43 17.89 51.62
CA LYS A 490 -32.23 18.28 50.45
C LYS A 490 -32.80 17.05 49.71
N LYS A 491 -32.53 15.84 50.22
CA LYS A 491 -32.73 14.64 49.42
C LYS A 491 -34.22 14.32 49.19
N GLU A 492 -35.04 14.48 50.22
CA GLU A 492 -36.47 14.14 50.11
C GLU A 492 -37.18 15.12 49.18
N PHE A 493 -36.78 16.37 49.24
CA PHE A 493 -37.37 17.41 48.40
C PHE A 493 -37.04 17.17 46.92
N ILE A 494 -35.77 16.98 46.62
CA ILE A 494 -35.34 16.85 45.23
C ILE A 494 -35.73 15.49 44.63
N LYS A 495 -35.67 14.45 45.44
CA LYS A 495 -36.11 13.11 45.02
C LYS A 495 -37.56 13.14 44.54
N LYS A 496 -38.42 13.77 45.34
CA LYS A 496 -39.83 13.94 44.99
C LYS A 496 -39.98 14.64 43.64
N LEU A 497 -39.21 15.69 43.44
CA LEU A 497 -39.30 16.49 42.22
C LEU A 497 -38.91 15.70 40.99
N LEU A 498 -37.81 14.94 41.09
CA LEU A 498 -37.35 14.12 39.98
C LEU A 498 -38.42 13.12 39.57
N GLY A 499 -39.09 12.52 40.55
CA GLY A 499 -40.14 11.54 40.30
C GLY A 499 -41.37 12.17 39.66
N ILE A 500 -41.74 13.36 40.14
CA ILE A 500 -42.90 14.09 39.61
C ILE A 500 -42.73 14.39 38.12
N TYR A 501 -41.51 14.73 37.71
CA TYR A 501 -41.24 15.14 36.31
C TYR A 501 -40.52 14.03 35.54
N GLY A 502 -40.58 12.80 36.05
CA GLY A 502 -40.23 11.63 35.29
C GLY A 502 -38.75 11.54 34.98
N ARG A 503 -37.92 12.05 35.89
CA ARG A 503 -36.46 12.01 35.72
C ARG A 503 -35.79 11.22 36.85
N GLU A 504 -36.59 10.55 37.67
CA GLU A 504 -36.06 9.69 38.73
C GLU A 504 -35.81 8.30 38.19
N VAL A 505 -34.60 7.80 38.40
CA VAL A 505 -34.29 6.44 38.03
C VAL A 505 -33.68 5.67 39.21
N SER B 19 -14.48 -36.67 -39.64
CA SER B 19 -13.40 -36.25 -38.70
C SER B 19 -12.12 -37.09 -38.93
N HIS B 20 -10.91 -36.47 -38.82
CA HIS B 20 -10.63 -35.01 -39.06
C HIS B 20 -9.35 -34.63 -38.33
N MET B 21 -8.29 -34.27 -39.09
CA MET B 21 -7.00 -33.91 -38.50
C MET B 21 -7.08 -32.49 -37.88
N ARG B 22 -7.25 -32.44 -36.57
CA ARG B 22 -7.39 -31.17 -35.84
C ARG B 22 -6.58 -31.24 -34.57
N LEU B 23 -5.46 -30.55 -34.56
CA LEU B 23 -4.54 -30.59 -33.44
C LEU B 23 -4.40 -29.21 -32.81
N ALA B 24 -4.04 -29.19 -31.53
CA ALA B 24 -3.75 -27.96 -30.81
C ALA B 24 -2.37 -28.07 -30.17
N GLY B 25 -1.74 -26.94 -29.94
CA GLY B 25 -0.43 -26.90 -29.33
C GLY B 25 -0.17 -25.62 -28.58
N ILE B 26 0.99 -25.56 -27.93
CA ILE B 26 1.41 -24.37 -27.21
C ILE B 26 2.77 -23.91 -27.74
N LEU B 27 2.92 -22.61 -27.93
CA LEU B 27 4.20 -22.02 -28.25
C LEU B 27 4.88 -21.60 -26.95
N LEU B 28 5.99 -22.25 -26.65
CA LEU B 28 6.74 -21.97 -25.43
C LEU B 28 8.19 -22.38 -25.63
N HIS B 29 9.10 -21.41 -25.60
CA HIS B 29 10.50 -21.70 -25.72
C HIS B 29 11.04 -22.35 -24.44
N VAL B 30 12.07 -23.17 -24.59
CA VAL B 30 12.68 -23.88 -23.47
C VAL B 30 13.11 -22.93 -22.35
N THR B 31 13.61 -21.75 -22.72
CA THR B 31 14.12 -20.78 -21.73
C THR B 31 13.03 -20.31 -20.79
N SER B 32 11.79 -20.30 -21.27
CA SER B 32 10.66 -19.78 -20.49
C SER B 32 10.16 -20.78 -19.42
N LEU B 33 10.67 -22.02 -19.45
CA LEU B 33 10.33 -23.01 -18.40
C LEU B 33 10.82 -22.51 -17.03
N PRO B 34 10.02 -22.77 -15.99
CA PRO B 34 10.34 -22.29 -14.64
C PRO B 34 11.34 -23.20 -13.89
N SER B 35 12.48 -23.47 -14.52
CA SER B 35 13.52 -24.28 -13.89
C SER B 35 14.31 -23.44 -12.88
N PRO B 36 14.93 -24.11 -11.91
CA PRO B 36 15.44 -23.43 -10.73
C PRO B 36 16.83 -22.79 -10.89
N TYR B 37 17.43 -22.86 -12.07
CA TYR B 37 18.85 -22.45 -12.22
C TYR B 37 19.02 -21.23 -13.15
N GLY B 38 18.09 -20.29 -13.08
CA GLY B 38 18.24 -18.99 -13.71
C GLY B 38 17.63 -18.93 -15.09
N ILE B 39 17.28 -20.10 -15.62
CA ILE B 39 16.75 -20.21 -16.98
C ILE B 39 16.07 -21.58 -17.15
N GLY B 40 15.15 -21.67 -18.10
CA GLY B 40 14.51 -22.94 -18.41
C GLY B 40 15.49 -23.92 -19.03
N ASP B 41 15.28 -25.21 -18.78
CA ASP B 41 16.20 -26.25 -19.25
C ASP B 41 15.47 -27.54 -19.63
N LEU B 42 16.23 -28.54 -20.07
CA LEU B 42 15.65 -29.77 -20.64
C LEU B 42 15.40 -30.82 -19.56
N GLY B 43 15.30 -30.36 -18.32
CA GLY B 43 15.12 -31.25 -17.18
C GLY B 43 13.70 -31.28 -16.68
N LYS B 44 13.55 -31.45 -15.37
CA LYS B 44 12.27 -31.79 -14.72
C LYS B 44 11.08 -30.96 -15.24
N GLU B 45 11.29 -29.66 -15.41
CA GLU B 45 10.20 -28.75 -15.74
C GLU B 45 9.74 -28.89 -17.20
N ALA B 46 10.67 -29.30 -18.06
CA ALA B 46 10.33 -29.65 -19.43
C ALA B 46 9.40 -30.87 -19.46
N TYR B 47 9.69 -31.86 -18.62
CA TYR B 47 8.87 -33.06 -18.54
C TYR B 47 7.52 -32.77 -17.92
N ARG B 48 7.48 -31.91 -16.92
CA ARG B 48 6.24 -31.48 -16.30
C ARG B 48 5.35 -30.76 -17.32
N PHE B 49 5.97 -29.98 -18.20
CA PHE B 49 5.22 -29.25 -19.22
C PHE B 49 4.63 -30.22 -20.24
N LEU B 50 5.42 -31.20 -20.65
CA LEU B 50 4.93 -32.25 -21.55
C LEU B 50 3.76 -33.03 -20.92
N ASP B 51 3.86 -33.30 -19.62
CA ASP B 51 2.76 -33.97 -18.88
C ASP B 51 1.49 -33.11 -18.94
N PHE B 52 1.66 -31.80 -18.85
CA PHE B 52 0.55 -30.86 -18.91
C PHE B 52 -0.09 -30.84 -20.32
N LEU B 53 0.75 -30.81 -21.36
CA LEU B 53 0.29 -30.97 -22.75
C LEU B 53 -0.60 -32.20 -22.86
N LYS B 54 -0.05 -33.34 -22.46
CA LYS B 54 -0.73 -34.63 -22.59
C LYS B 54 -2.06 -34.65 -21.83
N GLU B 55 -2.05 -34.16 -20.60
CA GLU B 55 -3.24 -34.18 -19.74
C GLU B 55 -4.36 -33.31 -20.34
N CYS B 56 -3.98 -32.19 -20.95
CA CYS B 56 -4.95 -31.26 -21.56
C CYS B 56 -5.50 -31.80 -22.88
N GLY B 57 -4.70 -32.61 -23.58
CA GLY B 57 -5.06 -33.12 -24.89
C GLY B 57 -4.37 -32.41 -26.05
N PHE B 58 -3.36 -31.59 -25.73
CA PHE B 58 -2.52 -30.96 -26.77
C PHE B 58 -1.69 -32.02 -27.49
N SER B 59 -1.38 -31.75 -28.76
CA SER B 59 -0.56 -32.67 -29.56
C SER B 59 0.71 -32.00 -30.09
N LEU B 60 0.85 -30.69 -29.87
CA LEU B 60 1.94 -29.92 -30.49
C LEU B 60 2.66 -29.05 -29.47
N TRP B 61 3.97 -28.98 -29.60
CA TRP B 61 4.78 -28.05 -28.82
C TRP B 61 5.72 -27.33 -29.76
N GLN B 62 5.61 -26.00 -29.82
CA GLN B 62 6.52 -25.20 -30.64
C GLN B 62 7.57 -24.50 -29.79
N VAL B 63 8.82 -24.67 -30.17
CA VAL B 63 9.93 -23.99 -29.55
C VAL B 63 10.58 -23.04 -30.53
N LEU B 64 11.44 -22.16 -30.04
CA LEU B 64 12.29 -21.34 -30.89
C LEU B 64 13.58 -22.12 -31.19
N PRO B 65 14.46 -21.57 -32.03
CA PRO B 65 15.72 -22.25 -32.35
C PRO B 65 16.52 -22.58 -31.10
N LEU B 66 17.19 -23.73 -31.12
CA LEU B 66 17.91 -24.23 -29.96
C LEU B 66 19.40 -23.94 -30.11
N ASN B 67 19.75 -23.09 -31.08
CA ASN B 67 21.15 -22.79 -31.36
C ASN B 67 21.76 -21.93 -30.25
N PRO B 68 23.09 -22.01 -30.09
CA PRO B 68 23.78 -21.26 -29.03
C PRO B 68 23.56 -19.76 -29.15
N THR B 69 23.31 -19.10 -28.03
CA THR B 69 23.10 -17.67 -28.01
C THR B 69 24.25 -16.98 -27.30
N SER B 70 24.31 -15.66 -27.42
CA SER B 70 25.37 -14.87 -26.80
C SER B 70 24.84 -13.51 -26.38
N LEU B 71 25.48 -12.91 -25.36
CA LEU B 71 25.19 -11.55 -24.90
C LEU B 71 25.31 -10.53 -26.05
N GLU B 72 26.27 -10.77 -26.94
CA GLU B 72 26.60 -9.83 -28.02
C GLU B 72 25.41 -9.66 -28.98
N ALA B 73 24.66 -10.73 -29.17
CA ALA B 73 23.57 -10.76 -30.16
C ALA B 73 22.20 -10.56 -29.49
N GLY B 74 22.21 -10.00 -28.27
CA GLY B 74 20.99 -9.79 -27.51
C GLY B 74 20.34 -11.10 -27.06
N ASN B 75 21.12 -12.17 -27.02
CA ASN B 75 20.62 -13.50 -26.62
C ASN B 75 19.57 -14.08 -27.59
N SER B 76 19.59 -13.60 -28.83
CA SER B 76 18.59 -14.01 -29.82
C SER B 76 18.88 -15.43 -30.33
N PRO B 77 17.87 -16.29 -30.31
CA PRO B 77 17.99 -17.64 -30.88
C PRO B 77 18.25 -17.62 -32.38
N TYR B 78 18.03 -16.48 -33.02
CA TYR B 78 18.08 -16.38 -34.49
C TYR B 78 19.40 -15.79 -34.97
N SER B 79 20.31 -15.48 -34.05
CA SER B 79 21.63 -14.98 -34.40
C SER B 79 22.71 -15.74 -33.63
N SER B 80 23.10 -16.89 -34.16
CA SER B 80 23.93 -17.85 -33.43
C SER B 80 25.20 -18.15 -34.20
N ASN B 81 26.23 -18.56 -33.48
CA ASN B 81 27.47 -18.97 -34.12
C ASN B 81 27.40 -20.40 -34.69
N SER B 82 26.20 -21.01 -34.67
CA SER B 82 25.99 -22.31 -35.33
C SER B 82 24.49 -22.63 -35.52
N LEU B 83 24.11 -22.99 -36.75
CA LEU B 83 22.74 -23.40 -37.05
C LEU B 83 22.50 -24.86 -36.70
N PHE B 84 23.54 -25.55 -36.25
CA PHE B 84 23.47 -26.99 -35.98
C PHE B 84 23.56 -27.31 -34.47
N ALA B 85 24.38 -26.54 -33.76
CA ALA B 85 24.69 -26.86 -32.36
C ALA B 85 23.51 -26.53 -31.45
N GLY B 86 23.54 -27.10 -30.24
CA GLY B 86 22.58 -26.78 -29.21
C GLY B 86 23.11 -25.76 -28.21
N ASN B 87 22.20 -25.11 -27.51
CA ASN B 87 22.52 -24.02 -26.61
C ASN B 87 22.79 -24.55 -25.18
N TYR B 88 24.02 -24.39 -24.70
CA TYR B 88 24.45 -25.09 -23.48
C TYR B 88 23.75 -24.60 -22.21
N VAL B 89 23.21 -23.37 -22.26
CA VAL B 89 22.50 -22.82 -21.09
C VAL B 89 21.13 -23.49 -20.87
N LEU B 90 20.68 -24.26 -21.85
CA LEU B 90 19.42 -25.01 -21.73
C LEU B 90 19.64 -26.36 -21.06
N ILE B 91 20.89 -26.69 -20.75
CA ILE B 91 21.21 -28.00 -20.16
C ILE B 91 20.78 -28.05 -18.71
N ASP B 92 20.21 -29.19 -18.32
CA ASP B 92 19.82 -29.44 -16.95
C ASP B 92 21.03 -29.92 -16.14
N PRO B 93 21.48 -29.10 -15.20
CA PRO B 93 22.69 -29.40 -14.43
C PRO B 93 22.47 -30.52 -13.40
N GLU B 94 21.22 -30.84 -13.10
CA GLU B 94 20.91 -31.89 -12.14
C GLU B 94 21.25 -33.29 -12.67
N GLU B 95 21.29 -33.44 -14.00
CA GLU B 95 21.75 -34.68 -14.62
C GLU B 95 23.24 -34.88 -14.37
N LEU B 96 24.00 -33.79 -14.35
CA LEU B 96 25.42 -33.84 -14.03
C LEU B 96 25.63 -34.31 -12.59
N LEU B 97 24.71 -33.94 -11.70
CA LEU B 97 24.75 -34.39 -10.29
C LEU B 97 24.43 -35.88 -10.18
N GLU B 98 23.50 -36.35 -11.02
CA GLU B 98 23.06 -37.75 -10.99
C GLU B 98 24.15 -38.67 -11.51
N GLU B 99 24.99 -38.16 -12.42
CA GLU B 99 26.03 -38.96 -13.06
C GLU B 99 27.38 -38.79 -12.32
N ASP B 100 27.33 -38.23 -11.12
CA ASP B 100 28.52 -38.05 -10.28
C ASP B 100 29.64 -37.27 -11.01
N LEU B 101 29.23 -36.26 -11.76
CA LEU B 101 30.19 -35.37 -12.44
C LEU B 101 30.35 -34.04 -11.68
N ILE B 102 29.36 -33.71 -10.86
CA ILE B 102 29.47 -32.58 -9.92
C ILE B 102 28.95 -32.96 -8.54
N LYS B 103 29.32 -32.17 -7.53
CA LYS B 103 28.82 -32.37 -6.17
C LYS B 103 27.52 -31.60 -5.96
N GLU B 104 26.81 -31.92 -4.87
CA GLU B 104 25.52 -31.30 -4.59
C GLU B 104 25.67 -29.80 -4.28
N ARG B 105 26.81 -29.41 -3.71
CA ARG B 105 27.05 -28.02 -3.30
C ARG B 105 27.35 -27.12 -4.49
N ASP B 106 27.69 -27.72 -5.64
CA ASP B 106 27.88 -26.96 -6.87
C ASP B 106 26.56 -26.43 -7.43
N LEU B 107 25.47 -27.15 -7.13
CA LEU B 107 24.13 -26.70 -7.54
C LEU B 107 23.69 -25.50 -6.70
N LYS B 108 22.95 -24.60 -7.34
CA LYS B 108 22.71 -23.28 -6.77
C LYS B 108 21.38 -22.70 -7.29
N ARG B 109 20.35 -22.75 -6.45
CA ARG B 109 19.01 -22.32 -6.86
C ARG B 109 18.91 -20.80 -7.04
N PHE B 110 18.17 -20.38 -8.05
CA PHE B 110 17.75 -18.98 -8.18
C PHE B 110 16.21 -18.91 -8.13
N PRO B 111 15.67 -17.83 -7.55
CA PRO B 111 14.21 -17.63 -7.52
C PRO B 111 13.61 -17.48 -8.92
N LEU B 112 12.34 -17.82 -9.06
CA LEU B 112 11.66 -17.79 -10.36
C LEU B 112 11.45 -16.34 -10.83
N GLY B 113 12.18 -15.96 -11.87
CA GLY B 113 12.01 -14.66 -12.49
C GLY B 113 12.35 -14.70 -13.96
N GLU B 114 12.83 -13.57 -14.48
CA GLU B 114 13.26 -13.50 -15.88
C GLU B 114 14.55 -14.31 -16.10
N ALA B 115 14.80 -14.70 -17.34
CA ALA B 115 15.99 -15.47 -17.70
C ALA B 115 17.27 -14.64 -17.41
N LEU B 116 18.17 -15.22 -16.61
CA LEU B 116 19.37 -14.52 -16.13
C LEU B 116 20.58 -14.82 -17.01
N TYR B 117 20.49 -14.41 -18.28
CA TYR B 117 21.44 -14.86 -19.30
C TYR B 117 22.91 -14.65 -18.86
N GLU B 118 23.24 -13.41 -18.48
CA GLU B 118 24.63 -13.05 -18.04
C GLU B 118 25.19 -14.02 -16.97
N VAL B 119 24.34 -14.33 -16.01
CA VAL B 119 24.67 -15.23 -14.90
C VAL B 119 24.83 -16.70 -15.38
N VAL B 120 23.90 -17.17 -16.22
CA VAL B 120 23.82 -18.60 -16.56
C VAL B 120 24.86 -19.03 -17.58
N TYR B 121 25.22 -18.13 -18.50
CA TYR B 121 26.35 -18.37 -19.41
C TYR B 121 27.57 -18.76 -18.61
N GLU B 122 27.84 -18.00 -17.54
CA GLU B 122 29.00 -18.25 -16.69
C GLU B 122 28.81 -19.48 -15.81
N TYR B 123 27.64 -19.56 -15.19
CA TYR B 123 27.39 -20.58 -14.17
C TYR B 123 27.34 -21.99 -14.77
N LYS B 124 26.61 -22.12 -15.87
CA LYS B 124 26.48 -23.42 -16.52
C LYS B 124 27.79 -23.82 -17.21
N LYS B 125 28.55 -22.84 -17.67
CA LYS B 125 29.88 -23.10 -18.24
C LYS B 125 30.81 -23.67 -17.17
N GLU B 126 30.68 -23.17 -15.95
CA GLU B 126 31.52 -23.62 -14.85
C GLU B 126 31.14 -25.03 -14.41
N LEU B 127 29.85 -25.31 -14.38
CA LEU B 127 29.37 -26.66 -14.06
C LEU B 127 29.84 -27.66 -15.10
N LEU B 128 29.84 -27.25 -16.37
CA LEU B 128 30.19 -28.14 -17.48
C LEU B 128 31.71 -28.33 -17.58
N GLU B 129 32.48 -27.32 -17.16
CA GLU B 129 33.94 -27.43 -17.10
C GLU B 129 34.34 -28.41 -16.01
N LYS B 130 33.62 -28.37 -14.90
CA LYS B 130 33.89 -29.25 -13.78
C LYS B 130 33.47 -30.69 -14.09
N ALA B 131 32.36 -30.83 -14.82
CA ALA B 131 31.84 -32.15 -15.19
C ALA B 131 32.79 -32.83 -16.17
N PHE B 132 33.37 -32.05 -17.08
CA PHE B 132 34.27 -32.58 -18.09
C PHE B 132 35.54 -33.15 -17.46
N LYS B 133 35.96 -32.57 -16.34
CA LYS B 133 37.13 -33.06 -15.62
C LYS B 133 36.87 -34.43 -15.02
N ASN B 134 35.69 -34.61 -14.44
CA ASN B 134 35.32 -35.87 -13.79
C ASN B 134 34.72 -36.89 -14.77
N PHE B 135 35.14 -36.79 -16.03
CA PHE B 135 34.55 -37.59 -17.11
C PHE B 135 35.66 -38.16 -18.00
N ARG B 136 35.39 -39.26 -18.71
CA ARG B 136 35.62 -40.63 -18.21
C ARG B 136 35.26 -41.63 -19.30
N ARG B 137 34.02 -41.54 -19.78
CA ARG B 137 33.52 -42.44 -20.82
C ARG B 137 33.66 -41.79 -22.21
N PHE B 138 34.90 -41.70 -22.69
CA PHE B 138 35.20 -40.97 -23.93
C PHE B 138 34.82 -41.78 -25.17
N GLU B 139 34.62 -43.08 -25.00
CA GLU B 139 34.16 -43.95 -26.08
C GLU B 139 32.75 -43.57 -26.55
N LEU B 140 31.91 -43.16 -25.61
CA LEU B 140 30.55 -42.69 -25.92
C LEU B 140 30.60 -41.36 -26.69
N LEU B 141 31.65 -40.56 -26.44
CA LEU B 141 31.86 -39.30 -27.15
C LEU B 141 32.26 -39.54 -28.60
N GLU B 142 32.97 -40.64 -28.85
CA GLU B 142 33.47 -40.95 -30.19
C GLU B 142 32.34 -41.41 -31.11
N ASP B 143 31.38 -42.16 -30.55
CA ASP B 143 30.19 -42.58 -31.31
C ASP B 143 29.31 -41.37 -31.64
N PHE B 144 29.22 -40.43 -30.70
CA PHE B 144 28.47 -39.21 -30.91
C PHE B 144 29.08 -38.39 -32.03
N LEU B 145 30.40 -38.29 -32.04
CA LEU B 145 31.12 -37.50 -33.05
C LEU B 145 30.89 -38.05 -34.46
N LYS B 146 30.86 -39.38 -34.58
CA LYS B 146 30.61 -40.03 -35.86
C LYS B 146 29.21 -39.71 -36.37
N GLU B 147 28.22 -39.83 -35.49
CA GLU B 147 26.83 -39.52 -35.84
C GLU B 147 26.70 -38.08 -36.37
N HIS B 148 27.41 -37.14 -35.75
CA HIS B 148 27.27 -35.72 -36.09
C HIS B 148 28.51 -35.18 -36.84
N SER B 149 29.25 -36.08 -37.50
CA SER B 149 30.53 -35.73 -38.12
C SER B 149 30.41 -34.54 -39.07
N TYR B 150 29.24 -34.40 -39.71
CA TYR B 150 29.06 -33.43 -40.77
C TYR B 150 29.13 -31.95 -40.28
N TRP B 151 28.89 -31.72 -38.99
CA TRP B 151 28.92 -30.34 -38.43
C TRP B 151 29.80 -30.19 -37.17
N LEU B 152 29.90 -31.25 -36.37
CA LEU B 152 30.41 -31.13 -34.98
C LEU B 152 31.94 -31.03 -34.94
N ARG B 153 32.62 -31.75 -35.83
CA ARG B 153 34.08 -31.64 -35.94
C ARG B 153 34.46 -30.18 -36.19
N ASP B 154 33.71 -29.54 -37.10
CA ASP B 154 33.99 -28.16 -37.47
C ASP B 154 33.61 -27.20 -36.35
N TYR B 155 32.50 -27.49 -35.66
CA TYR B 155 31.99 -26.58 -34.64
C TYR B 155 32.88 -26.58 -33.40
N ALA B 156 33.23 -27.77 -32.92
CA ALA B 156 34.03 -27.91 -31.72
C ALA B 156 35.44 -27.31 -31.93
N LEU B 157 35.96 -27.44 -33.14
CA LEU B 157 37.25 -26.86 -33.49
C LEU B 157 37.14 -25.33 -33.63
N TYR B 158 36.02 -24.89 -34.19
CA TYR B 158 35.72 -23.46 -34.30
C TYR B 158 35.72 -22.80 -32.92
N MET B 159 35.10 -23.48 -31.95
CA MET B 159 34.97 -22.94 -30.59
C MET B 159 36.31 -22.96 -29.86
N ALA B 160 37.14 -23.96 -30.15
CA ALA B 160 38.43 -24.11 -29.49
C ALA B 160 39.42 -23.05 -29.96
N ILE B 161 39.37 -22.72 -31.25
CA ILE B 161 40.24 -21.69 -31.83
C ILE B 161 39.77 -20.30 -31.43
N LYS B 162 38.45 -20.12 -31.36
CA LYS B 162 37.87 -18.85 -30.89
C LYS B 162 38.27 -18.57 -29.44
N GLU B 163 38.33 -19.63 -28.63
CA GLU B 163 38.77 -19.52 -27.24
C GLU B 163 40.22 -19.05 -27.16
N GLU B 164 41.10 -19.71 -27.91
CA GLU B 164 42.54 -19.51 -27.80
C GLU B 164 42.90 -18.10 -28.26
N GLU B 165 42.59 -17.79 -29.51
CA GLU B 165 42.96 -16.49 -30.10
C GLU B 165 42.13 -15.35 -29.51
N GLY B 166 40.96 -15.68 -28.95
CA GLY B 166 40.06 -14.68 -28.41
C GLY B 166 39.50 -13.76 -29.49
N LYS B 167 39.35 -14.31 -30.70
CA LYS B 167 38.94 -13.53 -31.87
C LYS B 167 37.91 -14.29 -32.71
N GLU B 168 37.21 -13.56 -33.57
CA GLU B 168 36.27 -14.19 -34.51
C GLU B 168 37.03 -14.87 -35.66
N TRP B 169 36.33 -15.69 -36.46
CA TRP B 169 36.99 -16.53 -37.47
C TRP B 169 37.61 -15.69 -38.60
N TYR B 170 36.95 -14.58 -38.93
CA TYR B 170 37.43 -13.70 -40.02
C TYR B 170 38.59 -12.79 -39.56
N GLU B 171 38.94 -12.89 -38.27
CA GLU B 171 40.07 -12.16 -37.72
C GLU B 171 41.27 -13.08 -37.45
N TRP B 172 41.08 -14.39 -37.62
CA TRP B 172 42.14 -15.37 -37.38
C TRP B 172 43.26 -15.22 -38.41
N ASP B 173 44.40 -15.85 -38.14
CA ASP B 173 45.47 -15.97 -39.14
C ASP B 173 44.91 -16.50 -40.45
N GLU B 174 45.48 -16.06 -41.56
CA GLU B 174 44.88 -16.28 -42.88
C GLU B 174 44.72 -17.76 -43.20
N GLU B 175 45.60 -18.59 -42.65
CA GLU B 175 45.61 -20.02 -42.95
C GLU B 175 44.46 -20.76 -42.27
N LEU B 176 44.18 -20.41 -41.02
CA LEU B 176 43.02 -20.98 -40.30
C LEU B 176 41.72 -20.37 -40.82
N LYS B 177 41.78 -19.08 -41.17
CA LYS B 177 40.62 -18.35 -41.66
C LYS B 177 40.06 -18.96 -42.95
N ARG B 178 40.95 -19.42 -43.83
CA ARG B 178 40.57 -19.96 -45.13
C ARG B 178 40.58 -21.49 -45.11
N ARG B 179 40.80 -22.06 -43.93
CA ARG B 179 40.69 -23.51 -43.73
C ARG B 179 41.64 -24.29 -44.64
N GLU B 180 42.91 -23.87 -44.64
CA GLU B 180 43.96 -24.65 -45.28
C GLU B 180 44.09 -26.00 -44.58
N LYS B 181 44.24 -27.06 -45.37
CA LYS B 181 44.13 -28.43 -44.84
C LYS B 181 45.12 -28.67 -43.71
N GLU B 182 46.39 -28.34 -43.95
CA GLU B 182 47.47 -28.66 -43.01
C GLU B 182 47.36 -27.86 -41.71
N ALA B 183 47.03 -26.58 -41.83
CA ALA B 183 46.93 -25.70 -40.66
C ALA B 183 45.81 -26.15 -39.71
N LEU B 184 44.74 -26.69 -40.27
CA LEU B 184 43.62 -27.21 -39.48
C LEU B 184 44.07 -28.42 -38.64
N LYS B 185 44.84 -29.33 -39.26
CA LYS B 185 45.35 -30.53 -38.57
C LYS B 185 46.20 -30.14 -37.36
N ARG B 186 47.10 -29.18 -37.55
CA ARG B 186 48.05 -28.79 -36.52
C ARG B 186 47.33 -28.24 -35.29
N VAL B 187 46.40 -27.32 -35.53
CA VAL B 187 45.73 -26.61 -34.45
C VAL B 187 44.74 -27.52 -33.70
N LEU B 188 44.25 -28.56 -34.38
CA LEU B 188 43.32 -29.51 -33.76
C LEU B 188 44.05 -30.35 -32.69
N ASN B 189 45.19 -30.92 -33.06
CA ASN B 189 46.01 -31.69 -32.12
C ASN B 189 46.46 -30.83 -30.93
N LYS B 190 46.82 -29.58 -31.22
CA LYS B 190 47.25 -28.64 -30.19
C LYS B 190 46.14 -28.43 -29.16
N LEU B 191 44.96 -28.10 -29.64
CA LEU B 191 43.82 -27.79 -28.77
C LEU B 191 42.92 -29.01 -28.63
N LYS B 192 43.51 -30.21 -28.55
CA LYS B 192 42.74 -31.44 -28.58
C LYS B 192 41.86 -31.58 -27.35
N GLY B 193 42.38 -31.19 -26.19
CA GLY B 193 41.61 -31.21 -24.94
C GLY B 193 40.42 -30.26 -25.00
N ARG B 194 40.64 -29.08 -25.56
CA ARG B 194 39.59 -28.06 -25.68
C ARG B 194 38.56 -28.46 -26.72
N PHE B 195 39.02 -29.10 -27.80
CA PHE B 195 38.14 -29.61 -28.83
C PHE B 195 37.11 -30.56 -28.23
N TYR B 196 37.59 -31.48 -27.39
CA TYR B 196 36.74 -32.54 -26.85
C TYR B 196 35.81 -32.03 -25.74
N PHE B 197 36.18 -30.91 -25.11
CA PHE B 197 35.29 -30.27 -24.15
C PHE B 197 34.04 -29.76 -24.86
N HIS B 198 34.23 -29.21 -26.06
CA HIS B 198 33.12 -28.61 -26.81
C HIS B 198 32.21 -29.68 -27.40
N VAL B 199 32.77 -30.83 -27.77
CA VAL B 199 31.93 -31.96 -28.23
C VAL B 199 31.18 -32.56 -27.05
N PHE B 200 31.84 -32.61 -25.88
CA PHE B 200 31.21 -33.09 -24.65
C PHE B 200 29.99 -32.25 -24.29
N VAL B 201 30.10 -30.94 -24.44
CA VAL B 201 28.99 -30.03 -24.16
C VAL B 201 27.82 -30.31 -25.10
N GLN B 202 28.12 -30.52 -26.38
CA GLN B 202 27.10 -30.85 -27.37
C GLN B 202 26.51 -32.24 -27.13
N PHE B 203 27.37 -33.17 -26.71
CA PHE B 203 26.93 -34.51 -26.32
C PHE B 203 25.86 -34.41 -25.23
N VAL B 204 26.18 -33.70 -24.16
CA VAL B 204 25.26 -33.56 -23.03
C VAL B 204 23.92 -32.96 -23.48
N PHE B 205 23.98 -31.95 -24.34
CA PHE B 205 22.77 -31.25 -24.79
C PHE B 205 21.88 -32.18 -25.61
N PHE B 206 22.48 -32.87 -26.56
CA PHE B 206 21.72 -33.66 -27.53
C PHE B 206 21.17 -34.93 -26.90
N LYS B 207 21.87 -35.45 -25.89
CA LYS B 207 21.38 -36.63 -25.16
C LYS B 207 20.19 -36.25 -24.27
N GLN B 208 20.24 -35.06 -23.69
CA GLN B 208 19.13 -34.56 -22.89
C GLN B 208 17.90 -34.28 -23.77
N TRP B 209 18.13 -33.77 -24.98
CA TRP B 209 17.04 -33.51 -25.90
C TRP B 209 16.44 -34.80 -26.45
N GLU B 210 17.31 -35.78 -26.70
CA GLU B 210 16.87 -37.09 -27.18
C GLU B 210 15.92 -37.73 -26.19
N LYS B 211 16.25 -37.62 -24.90
CA LYS B 211 15.43 -38.19 -23.84
C LYS B 211 14.09 -37.45 -23.72
N LEU B 212 14.12 -36.13 -23.86
CA LEU B 212 12.93 -35.32 -23.75
C LEU B 212 12.02 -35.60 -24.95
N ARG B 213 12.64 -35.73 -26.12
CA ARG B 213 11.89 -35.94 -27.35
C ARG B 213 11.15 -37.28 -27.33
N ARG B 214 11.82 -38.32 -26.80
CA ARG B 214 11.20 -39.64 -26.68
C ARG B 214 10.00 -39.59 -25.76
N TYR B 215 10.14 -38.86 -24.66
CA TYR B 215 9.05 -38.66 -23.71
C TYR B 215 7.84 -37.97 -24.39
N ALA B 216 8.13 -36.95 -25.18
CA ALA B 216 7.09 -36.25 -25.94
C ALA B 216 6.42 -37.19 -26.96
N ARG B 217 7.23 -37.89 -27.75
CA ARG B 217 6.73 -38.72 -28.87
C ARG B 217 5.84 -39.88 -28.38
N GLU B 218 6.21 -40.48 -27.25
CA GLU B 218 5.43 -41.60 -26.70
C GLU B 218 4.07 -41.15 -26.19
N ARG B 219 3.91 -39.84 -25.98
CA ARG B 219 2.64 -39.26 -25.56
C ARG B 219 1.94 -38.53 -26.72
N GLY B 220 2.42 -38.77 -27.95
CA GLY B 220 1.74 -38.30 -29.15
C GLY B 220 1.96 -36.83 -29.42
N ILE B 221 2.98 -36.24 -28.79
CA ILE B 221 3.30 -34.85 -28.97
C ILE B 221 4.36 -34.68 -30.05
N SER B 222 4.05 -33.89 -31.06
CA SER B 222 5.02 -33.54 -32.09
C SER B 222 5.64 -32.19 -31.77
N ILE B 223 6.94 -32.06 -31.98
CA ILE B 223 7.64 -30.82 -31.67
C ILE B 223 7.88 -30.02 -32.92
N VAL B 224 7.42 -28.78 -32.92
CA VAL B 224 7.68 -27.84 -33.99
C VAL B 224 8.92 -27.03 -33.66
N GLY B 225 10.00 -27.25 -34.40
CA GLY B 225 11.20 -26.47 -34.25
C GLY B 225 11.28 -25.37 -35.29
N ASP B 226 12.32 -24.57 -35.19
CA ASP B 226 12.39 -23.31 -35.91
C ASP B 226 13.74 -23.19 -36.60
N LEU B 227 13.71 -22.99 -37.92
CA LEU B 227 14.93 -22.86 -38.72
C LEU B 227 15.06 -21.42 -39.20
N PRO B 228 16.02 -20.68 -38.63
CA PRO B 228 16.33 -19.35 -39.13
C PRO B 228 16.77 -19.41 -40.58
N MET B 229 16.43 -18.39 -41.36
CA MET B 229 16.79 -18.35 -42.77
C MET B 229 18.31 -18.32 -42.90
N TYR B 230 18.94 -17.45 -42.11
CA TYR B 230 20.35 -17.10 -42.27
C TYR B 230 21.13 -17.44 -40.99
N PRO B 231 22.39 -17.82 -41.13
CA PRO B 231 23.33 -17.79 -40.01
C PRO B 231 23.84 -16.40 -39.79
N SER B 232 24.47 -16.15 -38.65
CA SER B 232 25.21 -14.91 -38.45
C SER B 232 26.52 -14.98 -39.21
N TYR B 233 27.08 -13.83 -39.55
CA TYR B 233 28.38 -13.77 -40.21
C TYR B 233 29.43 -14.41 -39.31
N SER B 234 29.30 -14.19 -38.00
CA SER B 234 30.20 -14.79 -37.02
C SER B 234 29.68 -16.17 -36.61
N SER B 235 29.83 -17.14 -37.50
CA SER B 235 29.38 -18.50 -37.23
C SER B 235 30.30 -19.51 -37.87
N ALA B 236 30.33 -20.70 -37.30
CA ALA B 236 31.04 -21.82 -37.90
C ALA B 236 30.54 -22.11 -39.33
N ASP B 237 29.27 -21.79 -39.58
CA ASP B 237 28.63 -22.15 -40.85
C ASP B 237 29.19 -21.36 -42.02
N VAL B 238 29.37 -20.06 -41.81
CA VAL B 238 29.97 -19.21 -42.85
C VAL B 238 31.45 -19.55 -43.00
N TRP B 239 32.12 -19.75 -41.87
CA TRP B 239 33.51 -20.18 -41.84
C TRP B 239 33.74 -21.43 -42.71
N THR B 240 32.87 -22.43 -42.54
CA THR B 240 33.07 -23.74 -43.20
C THR B 240 32.64 -23.71 -44.67
N ASN B 241 31.65 -22.88 -44.99
CA ASN B 241 31.10 -22.83 -46.35
C ASN B 241 31.00 -21.41 -46.89
N PRO B 242 32.15 -20.74 -47.01
CA PRO B 242 32.17 -19.34 -47.45
C PRO B 242 31.59 -19.15 -48.85
N GLU B 243 31.84 -20.12 -49.74
CA GLU B 243 31.34 -20.07 -51.12
C GLU B 243 29.79 -20.07 -51.19
N LEU B 244 29.15 -20.50 -50.12
CA LEU B 244 27.68 -20.55 -50.06
C LEU B 244 27.08 -19.17 -49.74
N PHE B 245 27.96 -18.17 -49.56
CA PHE B 245 27.52 -16.81 -49.23
C PHE B 245 28.19 -15.81 -50.17
N LYS B 246 27.63 -14.61 -50.24
CA LYS B 246 28.16 -13.57 -51.14
C LYS B 246 29.26 -12.78 -50.43
N LEU B 247 30.48 -13.30 -50.50
CA LEU B 247 31.64 -12.66 -49.91
C LEU B 247 32.64 -12.24 -50.99
N ASP B 248 33.53 -11.31 -50.66
CA ASP B 248 34.57 -10.87 -51.59
C ASP B 248 35.85 -11.71 -51.40
N GLY B 249 36.96 -11.22 -51.96
CA GLY B 249 38.23 -11.96 -51.91
C GLY B 249 38.75 -12.19 -50.49
N ASP B 250 38.43 -11.28 -49.58
CA ASP B 250 38.89 -11.39 -48.18
C ASP B 250 37.85 -12.07 -47.27
N LEU B 251 36.80 -12.63 -47.88
CA LEU B 251 35.73 -13.33 -47.15
C LEU B 251 34.90 -12.39 -46.24
N LYS B 252 34.96 -11.09 -46.52
CA LYS B 252 34.03 -10.12 -45.93
C LYS B 252 32.75 -10.03 -46.79
N PRO B 253 31.61 -9.82 -46.14
CA PRO B 253 30.32 -9.77 -46.86
C PRO B 253 30.32 -8.73 -47.97
N LEU B 254 29.94 -9.15 -49.16
CA LEU B 254 29.73 -8.24 -50.28
C LEU B 254 28.30 -7.67 -50.22
N PHE B 255 27.36 -8.50 -49.80
CA PHE B 255 25.99 -8.04 -49.52
C PHE B 255 25.48 -8.65 -48.20
N VAL B 256 24.53 -7.96 -47.56
CA VAL B 256 23.96 -8.42 -46.29
C VAL B 256 22.43 -8.40 -46.32
N ALA B 257 21.82 -9.07 -45.36
CA ALA B 257 20.41 -9.41 -45.42
C ALA B 257 19.56 -8.35 -44.73
N GLY B 258 18.27 -8.37 -45.01
CA GLY B 258 17.33 -7.47 -44.37
C GLY B 258 15.96 -7.50 -45.04
N VAL B 259 15.15 -6.48 -44.78
CA VAL B 259 13.91 -6.28 -45.52
C VAL B 259 13.71 -4.79 -45.80
N PRO B 260 12.97 -4.47 -46.89
CA PRO B 260 12.84 -3.09 -47.34
C PRO B 260 11.95 -2.26 -46.41
N PRO B 261 11.92 -0.94 -46.61
CA PRO B 261 11.01 -0.06 -45.86
C PRO B 261 9.55 -0.46 -45.99
N ASP B 262 8.83 -0.50 -44.87
CA ASP B 262 7.39 -0.80 -44.88
C ASP B 262 6.60 0.51 -44.73
N PHE B 263 5.31 0.37 -44.40
CA PHE B 263 4.56 1.47 -43.78
C PHE B 263 4.55 1.30 -42.25
N PHE B 264 4.84 0.08 -41.78
CA PHE B 264 5.21 -0.15 -40.37
C PHE B 264 6.51 0.58 -40.03
N SER B 265 7.64 0.02 -40.49
CA SER B 265 8.95 0.62 -40.24
C SER B 265 9.27 1.68 -41.29
N LYS B 266 10.10 2.64 -40.92
CA LYS B 266 10.37 3.80 -41.77
C LYS B 266 11.50 3.50 -42.75
N THR B 267 12.56 2.85 -42.25
CA THR B 267 13.78 2.65 -43.03
C THR B 267 14.18 1.16 -43.09
N GLY B 268 13.21 0.28 -42.86
CA GLY B 268 13.43 -1.16 -42.94
C GLY B 268 14.27 -1.68 -41.79
N GLN B 269 14.66 -2.95 -41.87
CA GLN B 269 15.54 -3.56 -40.87
C GLN B 269 16.79 -4.12 -41.53
N LEU B 270 17.94 -3.82 -40.93
CA LEU B 270 19.21 -4.37 -41.38
C LEU B 270 19.62 -5.52 -40.45
N TRP B 271 19.46 -6.75 -40.93
CA TRP B 271 19.73 -7.93 -40.12
C TRP B 271 21.22 -8.17 -39.95
N GLY B 272 22.00 -7.83 -40.99
CA GLY B 272 23.45 -7.89 -40.91
C GLY B 272 24.02 -9.28 -41.16
N ASN B 273 23.15 -10.23 -41.52
CA ASN B 273 23.62 -11.53 -42.00
C ASN B 273 24.18 -11.37 -43.41
N PRO B 274 25.15 -12.21 -43.78
CA PRO B 274 25.54 -12.34 -45.19
C PRO B 274 24.46 -13.08 -45.96
N VAL B 275 24.20 -12.67 -47.19
CA VAL B 275 23.18 -13.33 -48.01
C VAL B 275 23.77 -14.54 -48.69
N TYR B 276 22.90 -15.47 -49.08
CA TYR B 276 23.32 -16.68 -49.77
C TYR B 276 23.69 -16.37 -51.20
N ASN B 277 24.78 -16.98 -51.68
CA ASN B 277 25.03 -17.11 -53.10
C ASN B 277 24.28 -18.32 -53.66
N TRP B 278 23.00 -18.10 -54.01
CA TRP B 278 22.08 -19.21 -54.28
C TRP B 278 22.48 -20.00 -55.52
N GLU B 279 23.22 -19.39 -56.43
CA GLU B 279 23.67 -20.09 -57.62
C GLU B 279 24.68 -21.19 -57.25
N GLU B 280 25.43 -20.97 -56.17
CA GLU B 280 26.36 -21.98 -55.64
C GLU B 280 25.62 -23.13 -54.96
N HIS B 281 24.52 -22.82 -54.28
CA HIS B 281 23.73 -23.87 -53.61
C HIS B 281 23.14 -24.81 -54.64
N GLU B 282 22.62 -24.23 -55.73
CA GLU B 282 22.05 -25.01 -56.82
C GLU B 282 23.12 -25.85 -57.51
N LYS B 283 24.34 -25.31 -57.55
CA LYS B 283 25.48 -26.01 -58.15
C LYS B 283 25.88 -27.25 -57.34
N GLU B 284 25.76 -27.16 -56.02
CA GLU B 284 26.07 -28.30 -55.13
C GLU B 284 24.80 -29.07 -54.74
N GLY B 285 23.76 -28.98 -55.57
CA GLY B 285 22.56 -29.81 -55.41
C GLY B 285 21.80 -29.55 -54.11
N PHE B 286 21.97 -28.34 -53.56
CA PHE B 286 21.29 -27.93 -52.32
C PHE B 286 21.61 -28.85 -51.15
N ARG B 287 22.82 -29.43 -51.13
CA ARG B 287 23.12 -30.47 -50.15
C ARG B 287 23.40 -29.89 -48.75
N TRP B 288 23.78 -28.62 -48.67
CA TRP B 288 23.90 -27.95 -47.39
C TRP B 288 22.53 -27.79 -46.74
N TRP B 289 21.55 -27.37 -47.53
CA TRP B 289 20.18 -27.21 -47.04
C TRP B 289 19.57 -28.56 -46.68
N ILE B 290 19.89 -29.57 -47.47
CA ILE B 290 19.44 -30.92 -47.18
C ILE B 290 20.00 -31.39 -45.84
N ARG B 291 21.28 -31.13 -45.60
CA ARG B 291 21.91 -31.51 -44.33
C ARG B 291 21.29 -30.75 -43.14
N ARG B 292 20.92 -29.50 -43.36
CA ARG B 292 20.22 -28.71 -42.33
C ARG B 292 18.92 -29.38 -41.94
N VAL B 293 18.17 -29.83 -42.94
CA VAL B 293 16.86 -30.40 -42.70
C VAL B 293 16.98 -31.76 -42.01
N LEU B 294 17.86 -32.61 -42.54
CA LEU B 294 18.14 -33.93 -41.93
C LEU B 294 18.53 -33.78 -40.45
N HIS B 295 19.46 -32.85 -40.19
CA HIS B 295 19.94 -32.61 -38.82
C HIS B 295 18.80 -32.21 -37.89
N ASN B 296 18.00 -31.25 -38.33
CA ASN B 296 16.93 -30.73 -37.52
C ASN B 296 15.81 -31.74 -37.29
N LEU B 297 15.65 -32.68 -38.23
CA LEU B 297 14.64 -33.74 -38.07
C LEU B 297 15.06 -34.79 -37.00
N LYS B 298 16.34 -34.77 -36.61
CA LYS B 298 16.78 -35.52 -35.41
C LYS B 298 16.13 -34.95 -34.14
N LEU B 299 15.82 -33.65 -34.17
CA LEU B 299 15.30 -32.95 -33.00
C LEU B 299 13.79 -32.77 -33.07
N PHE B 300 13.28 -32.43 -34.26
CA PHE B 300 11.91 -31.95 -34.40
C PHE B 300 11.12 -32.79 -35.38
N ASP B 301 9.81 -32.70 -35.27
CA ASP B 301 8.90 -33.33 -36.23
C ASP B 301 8.57 -32.39 -37.37
N PHE B 302 8.35 -31.12 -37.03
CA PHE B 302 8.09 -30.08 -38.03
C PHE B 302 9.14 -28.98 -37.97
N LEU B 303 9.45 -28.42 -39.13
CA LEU B 303 10.42 -27.35 -39.22
C LEU B 303 9.74 -26.10 -39.73
N ARG B 304 9.64 -25.10 -38.87
CA ARG B 304 9.10 -23.81 -39.26
C ARG B 304 10.18 -23.03 -40.00
N LEU B 305 9.90 -22.67 -41.24
CA LEU B 305 10.87 -21.99 -42.08
C LEU B 305 10.77 -20.48 -41.92
N ASP B 306 11.61 -19.94 -41.06
CA ASP B 306 11.71 -18.50 -40.83
C ASP B 306 11.95 -17.73 -42.14
N HIS B 307 11.19 -16.63 -42.33
CA HIS B 307 11.32 -15.80 -43.53
C HIS B 307 11.21 -16.66 -44.81
N PHE B 308 10.14 -17.45 -44.88
CA PHE B 308 9.91 -18.34 -46.02
C PHE B 308 9.97 -17.60 -47.36
N ARG B 309 9.47 -16.36 -47.39
CA ARG B 309 9.39 -15.62 -48.63
C ARG B 309 10.76 -15.43 -49.27
N GLY B 310 11.82 -15.53 -48.46
CA GLY B 310 13.19 -15.41 -48.94
C GLY B 310 13.61 -16.50 -49.93
N PHE B 311 12.87 -17.62 -49.94
CA PHE B 311 13.13 -18.70 -50.88
C PHE B 311 12.63 -18.35 -52.29
N GLU B 312 11.71 -17.39 -52.36
CA GLU B 312 11.24 -16.86 -53.66
C GLU B 312 12.07 -15.65 -54.09
N ALA B 313 12.28 -14.72 -53.15
CA ALA B 313 13.15 -13.57 -53.37
C ALA B 313 13.57 -12.96 -52.04
N TYR B 314 14.80 -12.47 -51.97
CA TYR B 314 15.33 -11.94 -50.72
C TYR B 314 15.87 -10.52 -50.90
N TRP B 315 15.77 -9.73 -49.85
CA TRP B 315 16.23 -8.35 -49.89
C TRP B 315 17.73 -8.30 -49.66
N GLU B 316 18.43 -7.71 -50.62
CA GLU B 316 19.89 -7.70 -50.63
C GLU B 316 20.39 -6.26 -50.64
N VAL B 317 21.13 -5.88 -49.61
CA VAL B 317 21.70 -4.54 -49.52
C VAL B 317 23.23 -4.61 -49.45
N PRO B 318 23.91 -3.69 -50.14
CA PRO B 318 25.38 -3.62 -50.09
C PRO B 318 25.91 -3.58 -48.66
N TYR B 319 27.02 -4.28 -48.42
CA TYR B 319 27.74 -4.19 -47.15
C TYR B 319 28.35 -2.80 -46.99
N GLY B 320 28.29 -2.26 -45.77
CA GLY B 320 28.77 -0.91 -45.49
C GLY B 320 27.64 0.09 -45.33
N GLU B 321 26.47 -0.27 -45.86
CA GLU B 321 25.29 0.57 -45.72
C GLU B 321 24.80 0.58 -44.27
N GLU B 322 24.35 1.73 -43.80
CA GLU B 322 23.91 1.88 -42.40
C GLU B 322 22.45 1.44 -42.24
N THR B 323 21.66 1.58 -43.31
CA THR B 323 20.27 1.14 -43.31
C THR B 323 19.99 0.19 -44.48
N ALA B 324 18.76 -0.32 -44.55
CA ALA B 324 18.39 -1.29 -45.59
C ALA B 324 17.60 -0.63 -46.74
N VAL B 325 17.72 0.69 -46.84
CA VAL B 325 16.92 1.45 -47.80
C VAL B 325 17.38 1.18 -49.24
N ASN B 326 18.69 1.11 -49.45
CA ASN B 326 19.26 1.02 -50.80
C ASN B 326 19.57 -0.43 -51.21
N GLY B 327 18.61 -1.33 -50.97
CA GLY B 327 18.73 -2.71 -51.38
C GLY B 327 17.94 -3.01 -52.64
N ARG B 328 17.75 -4.30 -52.91
CA ARG B 328 16.93 -4.73 -54.03
C ARG B 328 16.46 -6.17 -53.83
N TRP B 329 15.35 -6.52 -54.47
CA TRP B 329 14.85 -7.88 -54.41
C TRP B 329 15.60 -8.75 -55.40
N VAL B 330 16.14 -9.86 -54.91
CA VAL B 330 16.87 -10.80 -55.76
C VAL B 330 16.20 -12.17 -55.70
N LYS B 331 15.88 -12.70 -56.89
CA LYS B 331 15.18 -13.99 -56.97
C LYS B 331 16.07 -15.13 -56.48
N ALA B 332 15.50 -16.00 -55.66
CA ALA B 332 16.15 -17.24 -55.23
C ALA B 332 15.43 -18.44 -55.87
N PRO B 333 16.11 -19.59 -55.95
CA PRO B 333 15.59 -20.76 -56.66
C PRO B 333 14.71 -21.65 -55.78
N GLY B 334 13.62 -21.08 -55.27
CA GLY B 334 12.77 -21.78 -54.31
C GLY B 334 12.08 -22.99 -54.90
N LYS B 335 11.64 -22.88 -56.16
CA LYS B 335 10.99 -23.99 -56.86
C LYS B 335 11.91 -25.21 -56.96
N THR B 336 13.16 -24.97 -57.35
CA THR B 336 14.14 -26.06 -57.51
C THR B 336 14.54 -26.64 -56.16
N LEU B 337 14.69 -25.78 -55.15
CA LEU B 337 15.11 -26.21 -53.82
C LEU B 337 14.09 -27.12 -53.18
N PHE B 338 12.82 -26.73 -53.27
CA PHE B 338 11.78 -27.44 -52.55
C PHE B 338 11.32 -28.69 -53.29
N LYS B 339 11.52 -28.71 -54.62
CA LYS B 339 11.31 -29.94 -55.38
C LYS B 339 12.25 -31.04 -54.89
N LYS B 340 13.50 -30.67 -54.63
CA LYS B 340 14.48 -31.62 -54.13
C LYS B 340 14.22 -31.95 -52.65
N LEU B 341 13.89 -30.94 -51.86
CA LEU B 341 13.67 -31.15 -50.42
C LEU B 341 12.45 -32.05 -50.16
N LEU B 342 11.42 -31.91 -50.98
CA LEU B 342 10.21 -32.74 -50.83
C LEU B 342 10.38 -34.13 -51.43
N SER B 343 11.37 -34.29 -52.31
CA SER B 343 11.74 -35.62 -52.80
C SER B 343 12.52 -36.39 -51.72
N TYR B 344 13.42 -35.68 -51.04
CA TYR B 344 14.21 -36.27 -49.95
C TYR B 344 13.34 -36.49 -48.70
N PHE B 345 12.37 -35.60 -48.50
CA PHE B 345 11.54 -35.61 -47.30
C PHE B 345 10.04 -35.55 -47.68
N PRO B 346 9.56 -36.60 -48.33
CA PRO B 346 8.23 -36.59 -48.97
C PRO B 346 7.02 -36.53 -47.99
N LYS B 347 7.24 -36.75 -46.69
CA LYS B 347 6.15 -36.67 -45.72
C LYS B 347 5.89 -35.20 -45.30
N ASN B 348 6.77 -34.31 -45.76
CA ASN B 348 6.57 -32.85 -45.65
C ASN B 348 6.52 -32.35 -44.22
N PRO B 349 7.69 -32.09 -43.64
CA PRO B 349 7.81 -31.54 -42.29
C PRO B 349 7.71 -30.00 -42.23
N PHE B 350 7.54 -29.35 -43.37
CA PHE B 350 7.77 -27.92 -43.44
C PHE B 350 6.54 -27.11 -43.06
N ILE B 351 6.77 -26.03 -42.32
CA ILE B 351 5.77 -24.98 -42.10
C ILE B 351 6.37 -23.65 -42.53
N ALA B 352 5.61 -22.85 -43.26
CA ALA B 352 6.10 -21.56 -43.74
C ALA B 352 5.76 -20.46 -42.74
N GLU B 353 6.78 -19.71 -42.31
CA GLU B 353 6.56 -18.37 -41.75
C GLU B 353 6.42 -17.39 -42.88
N ASP B 354 5.19 -17.16 -43.31
CA ASP B 354 4.90 -16.37 -44.49
C ASP B 354 4.15 -15.10 -44.08
N LEU B 355 4.59 -14.50 -42.98
CA LEU B 355 4.06 -13.23 -42.53
C LEU B 355 4.99 -12.10 -42.99
N GLY B 356 4.41 -11.07 -43.60
CA GLY B 356 5.16 -9.87 -43.94
C GLY B 356 5.84 -9.96 -45.29
N PHE B 357 5.67 -8.92 -46.11
CA PHE B 357 6.25 -8.86 -47.45
C PHE B 357 5.83 -10.06 -48.30
N ILE B 358 4.56 -10.43 -48.20
CA ILE B 358 4.04 -11.55 -48.97
C ILE B 358 3.47 -11.08 -50.32
N THR B 359 3.88 -11.76 -51.39
CA THR B 359 3.27 -11.56 -52.71
C THR B 359 2.63 -12.86 -53.18
N ASP B 360 1.93 -12.79 -54.30
CA ASP B 360 1.29 -13.97 -54.89
C ASP B 360 2.33 -15.00 -55.37
N GLU B 361 3.51 -14.52 -55.79
CA GLU B 361 4.64 -15.40 -56.14
C GLU B 361 5.01 -16.28 -54.95
N VAL B 362 5.04 -15.68 -53.77
CA VAL B 362 5.37 -16.40 -52.55
C VAL B 362 4.27 -17.40 -52.19
N ARG B 363 3.02 -16.96 -52.27
CA ARG B 363 1.89 -17.83 -51.98
C ARG B 363 1.86 -19.03 -52.91
N TYR B 364 2.18 -18.80 -54.19
CA TYR B 364 2.20 -19.87 -55.17
C TYR B 364 3.29 -20.91 -54.84
N LEU B 365 4.47 -20.43 -54.47
CA LEU B 365 5.56 -21.33 -54.09
C LEU B 365 5.15 -22.21 -52.92
N ARG B 366 4.57 -21.58 -51.90
CA ARG B 366 4.10 -22.29 -50.72
C ARG B 366 3.06 -23.36 -51.08
N GLU B 367 2.07 -22.96 -51.88
CA GLU B 367 0.93 -23.81 -52.13
C GLU B 367 1.25 -24.90 -53.17
N THR B 368 2.25 -24.64 -54.00
CA THR B 368 2.70 -25.62 -54.99
C THR B 368 3.20 -26.87 -54.28
N PHE B 369 3.87 -26.69 -53.15
CA PHE B 369 4.47 -27.80 -52.40
C PHE B 369 3.64 -28.16 -51.17
N LYS B 370 2.42 -27.62 -51.09
CA LYS B 370 1.45 -27.99 -50.04
C LYS B 370 1.99 -27.70 -48.64
N ILE B 371 2.84 -26.69 -48.54
CA ILE B 371 3.39 -26.29 -47.25
C ILE B 371 2.39 -25.37 -46.53
N PRO B 372 1.99 -25.74 -45.31
CA PRO B 372 1.07 -24.90 -44.53
C PRO B 372 1.64 -23.52 -44.28
N GLY B 373 0.80 -22.50 -44.38
CA GLY B 373 1.18 -21.15 -44.02
C GLY B 373 1.01 -20.88 -42.54
N SER B 374 1.22 -19.63 -42.15
CA SER B 374 0.97 -19.17 -40.80
C SER B 374 -0.10 -18.09 -40.80
N ARG B 375 -0.99 -18.16 -39.82
CA ARG B 375 -1.95 -17.08 -39.58
C ARG B 375 -1.97 -16.74 -38.10
N VAL B 376 -2.25 -15.48 -37.81
CA VAL B 376 -2.20 -14.96 -36.44
C VAL B 376 -3.41 -14.08 -36.21
N ILE B 377 -4.24 -14.45 -35.24
CA ILE B 377 -5.54 -13.77 -35.04
C ILE B 377 -5.36 -12.32 -34.55
N GLU B 378 -4.19 -12.03 -33.99
CA GLU B 378 -3.85 -10.67 -33.58
C GLU B 378 -3.80 -9.70 -34.79
N PHE B 379 -3.60 -10.24 -35.99
CA PHE B 379 -3.56 -9.43 -37.22
C PHE B 379 -4.93 -9.30 -37.90
N ALA B 380 -5.97 -9.85 -37.28
CA ALA B 380 -7.23 -10.14 -37.98
C ALA B 380 -8.18 -8.94 -38.03
N PHE B 381 -7.94 -7.92 -37.20
CA PHE B 381 -8.94 -6.88 -36.93
C PHE B 381 -8.47 -5.47 -37.33
N TYR B 382 -7.47 -5.41 -38.21
CA TYR B 382 -7.07 -4.15 -38.84
C TYR B 382 -7.82 -3.93 -40.16
N ASP B 383 -8.42 -4.99 -40.69
CA ASP B 383 -9.15 -4.93 -41.96
C ASP B 383 -10.31 -5.94 -41.96
N LYS B 384 -11.43 -5.57 -42.57
CA LYS B 384 -12.69 -6.34 -42.44
C LYS B 384 -12.63 -7.69 -43.17
N GLU B 385 -11.73 -7.80 -44.16
CA GLU B 385 -11.58 -9.03 -44.93
C GLU B 385 -10.16 -9.62 -44.78
N SER B 386 -9.54 -9.38 -43.63
CA SER B 386 -8.20 -9.92 -43.33
C SER B 386 -8.18 -11.45 -43.47
N GLU B 387 -7.11 -11.96 -44.06
CA GLU B 387 -6.95 -13.40 -44.25
C GLU B 387 -6.64 -14.11 -42.93
N HIS B 388 -6.47 -13.34 -41.86
CA HIS B 388 -6.22 -13.89 -40.53
C HIS B 388 -7.48 -13.99 -39.68
N LEU B 389 -8.62 -13.56 -40.24
CA LEU B 389 -9.91 -13.84 -39.63
C LEU B 389 -10.20 -15.34 -39.73
N PRO B 390 -10.77 -15.91 -38.66
CA PRO B 390 -11.05 -17.36 -38.62
C PRO B 390 -11.70 -17.93 -39.90
N HIS B 391 -12.73 -17.26 -40.40
CA HIS B 391 -13.50 -17.80 -41.53
C HIS B 391 -12.68 -17.77 -42.85
N ASN B 392 -11.51 -17.12 -42.82
CA ASN B 392 -10.64 -17.04 -43.99
C ASN B 392 -9.41 -17.97 -43.90
N VAL B 393 -9.28 -18.66 -42.77
CA VAL B 393 -8.16 -19.56 -42.57
C VAL B 393 -8.49 -20.96 -43.09
N GLU B 394 -7.80 -21.37 -44.16
CA GLU B 394 -8.01 -22.69 -44.77
C GLU B 394 -7.38 -23.76 -43.90
N GLU B 395 -7.68 -25.02 -44.23
CA GLU B 395 -7.25 -26.17 -43.42
C GLU B 395 -5.73 -26.25 -43.31
N ASN B 396 -5.04 -26.07 -44.43
CA ASN B 396 -3.59 -26.26 -44.45
C ASN B 396 -2.86 -25.01 -43.93
N ASN B 397 -3.00 -24.78 -42.63
CA ASN B 397 -2.42 -23.62 -41.99
C ASN B 397 -2.14 -23.92 -40.53
N VAL B 398 -1.16 -23.24 -39.98
CA VAL B 398 -0.98 -23.15 -38.54
C VAL B 398 -1.50 -21.79 -38.08
N TYR B 399 -2.46 -21.82 -37.15
CA TYR B 399 -3.16 -20.60 -36.72
C TYR B 399 -2.73 -20.27 -35.28
N TYR B 400 -2.13 -19.10 -35.10
CA TYR B 400 -1.62 -18.67 -33.79
C TYR B 400 -2.54 -17.62 -33.18
N THR B 401 -2.65 -17.62 -31.85
CA THR B 401 -3.20 -16.48 -31.14
C THR B 401 -2.26 -15.30 -31.27
N SER B 402 -1.00 -15.53 -30.90
CA SER B 402 0.06 -14.58 -31.13
C SER B 402 1.41 -15.32 -31.19
N THR B 403 2.47 -14.58 -31.48
CA THR B 403 3.81 -15.19 -31.58
C THR B 403 4.81 -14.47 -30.69
N HIS B 404 6.04 -14.98 -30.68
CA HIS B 404 7.11 -14.40 -29.85
C HIS B 404 7.58 -13.05 -30.33
N ASP B 405 7.23 -12.70 -31.57
CA ASP B 405 7.60 -11.38 -32.11
C ASP B 405 6.54 -10.32 -31.77
N LEU B 406 5.47 -10.75 -31.12
CA LEU B 406 4.30 -9.92 -30.92
C LEU B 406 4.05 -9.75 -29.43
N PRO B 407 3.32 -8.71 -29.07
CA PRO B 407 2.75 -8.64 -27.72
C PRO B 407 1.73 -9.75 -27.52
N PRO B 408 1.64 -10.32 -26.33
CA PRO B 408 0.56 -11.23 -26.01
C PRO B 408 -0.79 -10.56 -26.21
N ILE B 409 -1.81 -11.34 -26.53
CA ILE B 409 -3.13 -10.79 -26.90
C ILE B 409 -3.61 -9.71 -25.92
N ARG B 410 -3.41 -9.93 -24.63
CA ARG B 410 -3.95 -9.02 -23.61
C ARG B 410 -3.27 -7.65 -23.66
N GLY B 411 -1.96 -7.65 -23.92
CA GLY B 411 -1.20 -6.42 -24.06
C GLY B 411 -1.46 -5.73 -25.40
N TRP B 412 -1.65 -6.53 -26.44
CA TRP B 412 -2.04 -6.03 -27.76
C TRP B 412 -3.39 -5.32 -27.66
N PHE B 413 -4.34 -5.92 -26.94
CA PHE B 413 -5.67 -5.36 -26.80
C PHE B 413 -5.64 -4.05 -26.03
N GLU B 414 -4.73 -3.96 -25.04
CA GLU B 414 -4.62 -2.76 -24.22
C GLU B 414 -4.33 -1.53 -25.09
N ASN B 415 -3.49 -1.71 -26.10
CA ASN B 415 -3.05 -0.60 -26.96
C ASN B 415 -3.78 -0.58 -28.30
N LEU B 416 -4.81 -1.40 -28.45
CA LEU B 416 -5.52 -1.51 -29.71
C LEU B 416 -6.39 -0.28 -29.94
N GLY B 417 -6.32 0.30 -31.16
CA GLY B 417 -7.06 1.51 -31.50
C GLY B 417 -8.56 1.27 -31.54
N GLU B 418 -9.33 2.35 -31.40
CA GLU B 418 -10.80 2.24 -31.25
C GLU B 418 -11.45 1.54 -32.44
N GLU B 419 -10.90 1.75 -33.63
CA GLU B 419 -11.50 1.23 -34.87
C GLU B 419 -11.30 -0.29 -34.98
N SER B 420 -10.12 -0.75 -34.59
CA SER B 420 -9.82 -2.18 -34.62
C SER B 420 -10.54 -2.91 -33.49
N ARG B 421 -10.76 -2.22 -32.37
CA ARG B 421 -11.59 -2.73 -31.28
C ARG B 421 -13.02 -2.93 -31.75
N LYS B 422 -13.53 -1.99 -32.54
CA LYS B 422 -14.89 -2.07 -33.07
C LYS B 422 -15.06 -3.32 -33.95
N ARG B 423 -14.09 -3.56 -34.84
CA ARG B 423 -14.14 -4.72 -35.74
C ARG B 423 -14.10 -6.03 -34.93
N LEU B 424 -13.35 -6.01 -33.83
CA LEU B 424 -13.23 -7.18 -32.98
C LEU B 424 -14.54 -7.48 -32.28
N PHE B 425 -15.14 -6.45 -31.69
CA PHE B 425 -16.43 -6.59 -30.98
C PHE B 425 -17.54 -7.01 -31.94
N GLU B 426 -17.50 -6.49 -33.16
CA GLU B 426 -18.53 -6.79 -34.15
C GLU B 426 -18.38 -8.21 -34.68
N TYR B 427 -17.17 -8.73 -34.68
CA TYR B 427 -16.91 -10.10 -35.11
C TYR B 427 -17.45 -11.07 -34.06
N LEU B 428 -17.28 -10.73 -32.80
CA LEU B 428 -17.76 -11.55 -31.69
C LEU B 428 -19.27 -11.36 -31.49
N GLY B 429 -19.80 -10.24 -31.94
CA GLY B 429 -21.19 -9.91 -31.76
C GLY B 429 -21.49 -9.20 -30.44
N ARG B 430 -20.44 -8.87 -29.69
CA ARG B 430 -20.61 -8.14 -28.43
C ARG B 430 -19.31 -7.48 -27.98
N GLU B 431 -19.44 -6.44 -27.16
CA GLU B 431 -18.31 -5.87 -26.44
C GLU B 431 -17.88 -6.80 -25.32
N ILE B 432 -16.58 -6.99 -25.15
CA ILE B 432 -16.07 -7.81 -24.07
C ILE B 432 -15.00 -7.08 -23.25
N LYS B 433 -14.92 -7.41 -21.97
CA LYS B 433 -13.94 -6.81 -21.08
C LYS B 433 -12.55 -7.30 -21.42
N GLU B 434 -11.55 -6.47 -21.13
CA GLU B 434 -10.18 -6.71 -21.61
C GLU B 434 -9.58 -8.04 -21.09
N GLU B 435 -10.00 -8.45 -19.89
CA GLU B 435 -9.47 -9.67 -19.27
C GLU B 435 -10.08 -10.95 -19.89
N LYS B 436 -11.16 -10.80 -20.66
CA LYS B 436 -11.84 -11.94 -21.29
C LYS B 436 -11.43 -12.12 -22.78
N VAL B 437 -10.62 -11.19 -23.29
CA VAL B 437 -10.28 -11.18 -24.71
C VAL B 437 -9.48 -12.42 -25.11
N ASN B 438 -8.53 -12.82 -24.27
CA ASN B 438 -7.72 -14.01 -24.53
C ASN B 438 -8.58 -15.25 -24.76
N GLU B 439 -9.57 -15.45 -23.90
CA GLU B 439 -10.44 -16.61 -23.98
C GLU B 439 -11.23 -16.58 -25.30
N GLU B 440 -11.76 -15.41 -25.64
CA GLU B 440 -12.59 -15.26 -26.83
C GLU B 440 -11.80 -15.55 -28.10
N LEU B 441 -10.55 -15.12 -28.12
CA LEU B 441 -9.72 -15.26 -29.31
C LEU B 441 -9.13 -16.66 -29.40
N ILE B 442 -8.89 -17.28 -28.24
CA ILE B 442 -8.53 -18.70 -28.21
C ILE B 442 -9.64 -19.53 -28.85
N ARG B 443 -10.88 -19.27 -28.46
CA ARG B 443 -12.04 -19.97 -29.03
C ARG B 443 -12.10 -19.79 -30.56
N LEU B 444 -11.85 -18.57 -31.03
CA LEU B 444 -11.91 -18.27 -32.47
C LEU B 444 -10.84 -19.06 -33.24
N VAL B 445 -9.65 -19.16 -32.64
CA VAL B 445 -8.57 -19.92 -33.24
C VAL B 445 -8.91 -21.42 -33.24
N LEU B 446 -9.46 -21.91 -32.13
CA LEU B 446 -9.78 -23.34 -31.98
C LEU B 446 -10.94 -23.78 -32.89
N ILE B 447 -11.93 -22.89 -33.07
CA ILE B 447 -13.13 -23.24 -33.87
C ILE B 447 -12.82 -23.25 -35.36
N SER B 448 -11.69 -22.64 -35.74
CA SER B 448 -11.30 -22.56 -37.16
C SER B 448 -11.01 -23.95 -37.71
N ARG B 449 -10.88 -24.04 -39.04
CA ARG B 449 -10.58 -25.30 -39.70
C ARG B 449 -9.08 -25.51 -39.88
N ALA B 450 -8.27 -24.54 -39.45
CA ALA B 450 -6.81 -24.70 -39.45
C ALA B 450 -6.44 -26.02 -38.79
N LYS B 451 -5.62 -26.82 -39.45
CA LYS B 451 -5.31 -28.15 -38.96
C LYS B 451 -4.51 -28.09 -37.66
N PHE B 452 -3.61 -27.10 -37.55
CA PHE B 452 -2.87 -26.85 -36.31
C PHE B 452 -3.29 -25.51 -35.69
N ALA B 453 -3.74 -25.54 -34.45
CA ALA B 453 -4.03 -24.31 -33.69
C ALA B 453 -3.04 -24.20 -32.55
N ILE B 454 -2.30 -23.09 -32.50
CA ILE B 454 -1.23 -22.91 -31.51
C ILE B 454 -1.50 -21.68 -30.64
N ILE B 455 -1.52 -21.90 -29.32
CA ILE B 455 -1.68 -20.82 -28.37
C ILE B 455 -0.31 -20.45 -27.78
N GLN B 456 0.06 -19.17 -27.84
CA GLN B 456 1.24 -18.72 -27.10
C GLN B 456 0.97 -18.82 -25.60
N MET B 457 1.95 -19.32 -24.85
CA MET B 457 1.76 -19.63 -23.44
C MET B 457 1.27 -18.38 -22.68
N GLN B 458 1.81 -17.22 -23.03
CA GLN B 458 1.46 -15.95 -22.38
C GLN B 458 -0.04 -15.67 -22.51
N ASP B 459 -0.65 -16.09 -23.62
CA ASP B 459 -2.09 -15.91 -23.84
C ASP B 459 -2.91 -16.89 -22.97
N LEU B 460 -2.41 -18.11 -22.84
CA LEU B 460 -3.02 -19.09 -21.94
C LEU B 460 -3.04 -18.56 -20.51
N LEU B 461 -1.98 -17.84 -20.14
CA LEU B 461 -1.82 -17.33 -18.78
C LEU B 461 -2.41 -15.91 -18.64
N ASN B 462 -2.96 -15.37 -19.74
CA ASN B 462 -3.63 -14.06 -19.72
C ASN B 462 -2.67 -12.94 -19.27
N LEU B 463 -1.49 -12.88 -19.88
CA LEU B 463 -0.45 -11.92 -19.50
C LEU B 463 -0.36 -10.79 -20.51
N GLY B 464 0.12 -9.63 -20.07
CA GLY B 464 0.12 -8.42 -20.88
C GLY B 464 1.45 -8.15 -21.54
N ASN B 465 1.70 -6.88 -21.84
CA ASN B 465 2.89 -6.45 -22.59
C ASN B 465 4.19 -6.78 -21.86
N GLU B 466 4.13 -6.87 -20.54
CA GLU B 466 5.31 -7.20 -19.73
C GLU B 466 5.87 -8.61 -20.04
N ALA B 467 5.03 -9.48 -20.59
CA ALA B 467 5.44 -10.85 -20.88
C ALA B 467 5.78 -11.06 -22.37
N ARG B 468 5.96 -9.96 -23.10
CA ARG B 468 6.36 -10.04 -24.49
C ARG B 468 7.76 -10.66 -24.63
N MET B 469 7.88 -11.66 -25.48
CA MET B 469 9.14 -12.38 -25.64
C MET B 469 10.16 -11.54 -26.41
N ASN B 470 9.76 -11.03 -27.58
CA ASN B 470 10.67 -10.23 -28.43
C ASN B 470 9.99 -9.03 -29.06
N TYR B 471 10.73 -7.92 -29.12
CA TYR B 471 10.29 -6.71 -29.79
C TYR B 471 11.22 -6.45 -31.00
N PRO B 472 10.78 -6.83 -32.20
CA PRO B 472 11.61 -6.67 -33.40
C PRO B 472 12.08 -5.23 -33.61
N GLY B 473 13.32 -5.07 -34.05
CA GLY B 473 13.92 -3.75 -34.18
C GLY B 473 14.80 -3.40 -33.00
N ARG B 474 14.31 -3.67 -31.79
CA ARG B 474 15.08 -3.42 -30.57
C ARG B 474 16.10 -4.54 -30.36
N PRO B 475 17.36 -4.15 -30.13
CA PRO B 475 18.47 -5.11 -30.06
C PRO B 475 18.51 -5.89 -28.73
N PHE B 476 18.13 -5.24 -27.62
CA PHE B 476 18.36 -5.80 -26.27
C PHE B 476 17.07 -5.83 -25.41
N GLY B 477 17.05 -6.71 -24.40
CA GLY B 477 15.91 -6.83 -23.49
C GLY B 477 15.02 -8.04 -23.82
N ASN B 478 15.32 -8.72 -24.91
CA ASN B 478 14.43 -9.73 -25.44
C ASN B 478 14.77 -11.14 -24.99
N TRP B 479 13.81 -12.04 -25.16
CA TRP B 479 14.02 -13.49 -24.96
C TRP B 479 14.14 -13.85 -23.48
N ARG B 480 13.66 -12.97 -22.61
CA ARG B 480 13.86 -13.10 -21.17
C ARG B 480 12.64 -13.66 -20.43
N TRP B 481 11.46 -13.61 -21.05
CA TRP B 481 10.24 -13.95 -20.32
C TRP B 481 10.26 -15.41 -19.87
N ARG B 482 9.89 -15.64 -18.62
CA ARG B 482 9.72 -16.99 -18.09
C ARG B 482 8.39 -17.11 -17.36
N ILE B 483 7.84 -18.31 -17.38
CA ILE B 483 6.74 -18.66 -16.49
C ILE B 483 7.15 -18.47 -15.03
N LYS B 484 6.31 -17.78 -14.27
CA LYS B 484 6.56 -17.53 -12.85
C LYS B 484 5.46 -18.13 -11.96
N GLU B 485 4.39 -18.62 -12.58
CA GLU B 485 3.19 -19.07 -11.86
C GLU B 485 2.93 -20.57 -12.13
N ASP B 486 2.03 -21.15 -11.35
CA ASP B 486 1.60 -22.54 -11.58
C ASP B 486 0.60 -22.61 -12.74
N TYR B 487 1.12 -22.88 -13.92
CA TYR B 487 0.33 -22.87 -15.15
C TYR B 487 -0.62 -24.09 -15.26
N THR B 488 -0.42 -25.11 -14.41
CA THR B 488 -1.23 -26.34 -14.49
C THR B 488 -2.63 -26.13 -13.92
N GLN B 489 -2.83 -25.03 -13.19
CA GLN B 489 -4.18 -24.64 -12.73
C GLN B 489 -5.11 -24.38 -13.93
N LYS B 490 -4.52 -24.06 -15.08
CA LYS B 490 -5.30 -23.75 -16.28
C LYS B 490 -5.82 -25.02 -16.99
N LYS B 491 -5.53 -26.20 -16.43
CA LYS B 491 -5.65 -27.46 -17.19
C LYS B 491 -7.10 -27.84 -17.45
N GLU B 492 -7.98 -27.64 -16.47
CA GLU B 492 -9.39 -28.02 -16.61
C GLU B 492 -10.10 -27.11 -17.60
N PHE B 493 -9.74 -25.83 -17.58
CA PHE B 493 -10.35 -24.85 -18.47
C PHE B 493 -9.98 -25.13 -19.94
N ILE B 494 -8.68 -25.30 -20.20
CA ILE B 494 -8.21 -25.45 -21.57
C ILE B 494 -8.56 -26.84 -22.12
N LYS B 495 -8.48 -27.86 -21.26
CA LYS B 495 -8.85 -29.23 -21.66
C LYS B 495 -10.29 -29.28 -22.16
N LYS B 496 -11.18 -28.62 -21.44
CA LYS B 496 -12.58 -28.53 -21.83
C LYS B 496 -12.70 -27.90 -23.21
N LEU B 497 -11.97 -26.81 -23.43
CA LEU B 497 -12.03 -26.07 -24.70
C LEU B 497 -11.57 -26.93 -25.87
N LEU B 498 -10.45 -27.62 -25.70
CA LEU B 498 -9.91 -28.46 -26.75
C LEU B 498 -10.93 -29.51 -27.18
N GLY B 499 -11.63 -30.08 -26.20
CA GLY B 499 -12.64 -31.10 -26.47
C GLY B 499 -13.88 -30.54 -27.15
N ILE B 500 -14.29 -29.34 -26.74
CA ILE B 500 -15.44 -28.68 -27.33
C ILE B 500 -15.22 -28.42 -28.84
N TYR B 501 -13.99 -28.06 -29.21
CA TYR B 501 -13.69 -27.71 -30.60
C TYR B 501 -12.95 -28.83 -31.34
N GLY B 502 -12.97 -30.02 -30.75
CA GLY B 502 -12.55 -31.23 -31.45
C GLY B 502 -11.05 -31.28 -31.68
N ARG B 503 -10.29 -30.71 -30.77
CA ARG B 503 -8.82 -30.71 -30.88
C ARG B 503 -8.16 -31.43 -29.70
N GLU B 504 -8.97 -32.08 -28.87
CA GLU B 504 -8.46 -32.88 -27.76
C GLU B 504 -8.14 -34.27 -28.24
N VAL B 505 -6.93 -34.72 -27.98
CA VAL B 505 -6.55 -36.09 -28.26
C VAL B 505 -5.97 -36.77 -26.99
C1 MPD C . -45.64 23.94 37.29
C2 MPD C . -44.68 24.73 36.40
O2 MPD C . -44.42 26.01 37.04
CM MPD C . -43.34 23.98 36.26
C3 MPD C . -45.28 24.97 35.02
C4 MPD C . -46.41 25.99 35.07
O4 MPD C . -45.90 27.22 35.51
C5 MPD C . -47.03 26.18 33.69
#